data_7EXP
#
_entry.id   7EXP
#
_cell.length_a   179.339
_cell.length_b   96.522
_cell.length_c   125.615
_cell.angle_alpha   90.000
_cell.angle_beta   134.390
_cell.angle_gamma   90.000
#
_symmetry.space_group_name_H-M   'C 1 2 1'
#
loop_
_entity.id
_entity.type
_entity.pdbx_description
1 polymer 'TNF receptor-associated protein 1'
2 non-polymer 'PHOSPHOAMINOPHOSPHONIC ACID-ADENYLATE ESTER'
3 non-polymer 'MAGNESIUM ION'
4 non-polymer 'COBALT (II) ION'
5 non-polymer 2,3-dimethoxy-5-methyl-6-[10-(triphenyl-$l^{5}-phosphanyl)decyl]cyclohexa-2,5-diene-1,4-dione
6 water water
#
_entity_poly.entity_id   1
_entity_poly.type   'polypeptide(L)'
_entity_poly.pdbx_seq_one_letter_code
;STQQHTEPAEEETLHNIITDTENVQGSFSKHEFQAETKKLLDIVARSLYSEKEVFIRELISNGSDALEKLRHRMITAGGD
TAPMEIHLQTDSVKGTFTIQDTGVGMNKEDLVSNLGTIARSGSKAFLDALQNQAEASSSIIGQFGVGFYSAFMVADKVEV
YSQSAEADAPGYKWSSDGSGVFEVAEASGVRQGTKIVLHLKDDCKEFSSEDRVKEVVTKYSNFVSFPIFLNGRRLNTLQA
LWMMEPKDISEWQHEEFYRYVAQAYDKPRYTLHYRADAPLNIRSIFYVPEMKPSMFDVSREMGSSVALYSRKILIQTKAT
DILPKWLRFLRGVVDSEDIPLNLSRELLQESALIRKLRDVLQQRVIRFLLDQSKKDPEKYARFFEDYGLFMREGIVTTGE
QSVKEDIAKLLRFESSALPAGQQTSLMEYSSRMKAGTRNIYYLCAPNRHLAEHSPYFEAMKQKDMEVLFCFEQFDELTLL
HLREFDRKKLISAETDIVVDHYKEEKFQDSKPASERLSSEQAEDLLAWMRNALVQRVTNIKVTPRLDTHPAMITVLEMGA
ARHFLRTQQLARSSEERAQILQPTLEINTGHDLIKKLHALKDSNPELAQLLLEQIYDNAMIAAGLNEDPRPMISRLNQLL
TRALEKH
;
_entity_poly.pdbx_strand_id   A,B
#
loop_
_chem_comp.id
_chem_comp.type
_chem_comp.name
_chem_comp.formula
05M non-polymer 2,3-dimethoxy-5-methyl-6-[10-(triphenyl-$l^{5}-phosphanyl)decyl]cyclohexa-2,5-diene-1,4-dione 'C37 H45 O4 P'
ANP non-polymer 'PHOSPHOAMINOPHOSPHONIC ACID-ADENYLATE ESTER' 'C10 H17 N6 O12 P3'
CO non-polymer 'COBALT (II) ION' 'Co 2'
MG non-polymer 'MAGNESIUM ION' 'Mg 2'
#
# COMPACT_ATOMS: atom_id res chain seq x y z
N THR A 13 17.31 -41.10 -17.92
CA THR A 13 16.34 -40.01 -17.75
C THR A 13 17.05 -38.79 -17.12
N LEU A 14 18.28 -38.97 -16.63
CA LEU A 14 19.03 -37.84 -16.13
C LEU A 14 20.11 -37.46 -17.15
N HIS A 15 20.30 -36.15 -17.31
CA HIS A 15 21.24 -35.58 -18.26
C HIS A 15 22.11 -34.58 -17.51
N ASN A 16 23.33 -34.98 -17.16
CA ASN A 16 24.26 -34.10 -16.46
C ASN A 16 25.61 -34.21 -17.14
N ILE A 17 26.22 -33.06 -17.43
CA ILE A 17 27.48 -32.97 -18.16
C ILE A 17 28.65 -32.57 -17.27
N ILE A 18 28.40 -32.31 -15.99
CA ILE A 18 29.44 -31.84 -15.06
C ILE A 18 30.17 -33.05 -14.47
N THR A 19 31.49 -33.11 -14.71
CA THR A 19 32.34 -34.19 -14.23
C THR A 19 33.71 -33.65 -13.83
N ASP A 20 34.37 -34.34 -12.88
CA ASP A 20 35.76 -34.02 -12.55
C ASP A 20 36.65 -34.56 -13.64
N THR A 21 36.85 -33.72 -14.63
CA THR A 21 37.56 -34.08 -15.85
C THR A 21 38.82 -33.25 -16.08
N GLU A 22 38.98 -32.14 -15.36
CA GLU A 22 40.01 -31.15 -15.59
C GLU A 22 41.26 -31.51 -14.78
N ASN A 23 42.41 -31.18 -15.35
CA ASN A 23 43.71 -31.42 -14.74
C ASN A 23 44.59 -30.29 -15.21
N VAL A 24 45.15 -29.55 -14.28
CA VAL A 24 46.00 -28.44 -14.68
C VAL A 24 47.40 -28.96 -14.95
N GLN A 25 47.97 -28.55 -16.07
CA GLN A 25 49.36 -28.88 -16.39
C GLN A 25 50.06 -27.64 -16.91
N GLY A 26 51.38 -27.66 -16.80
CA GLY A 26 52.18 -26.47 -16.86
C GLY A 26 52.04 -25.80 -15.50
N SER A 27 52.43 -24.54 -15.43
CA SER A 27 52.41 -23.83 -14.16
C SER A 27 51.38 -22.72 -14.23
N PHE A 28 51.14 -22.09 -13.09
CA PHE A 28 50.04 -21.14 -12.95
C PHE A 28 50.64 -19.78 -13.16
N SER A 29 49.87 -18.86 -13.74
CA SER A 29 50.27 -17.46 -13.69
C SER A 29 49.50 -16.78 -12.57
N LYS A 30 50.10 -15.74 -12.00
CA LYS A 30 49.47 -14.96 -10.93
C LYS A 30 49.12 -13.57 -11.45
N HIS A 31 47.98 -13.06 -11.02
CA HIS A 31 47.48 -11.78 -11.51
C HIS A 31 46.71 -11.08 -10.40
N GLU A 32 46.83 -9.75 -10.37
CA GLU A 32 46.06 -8.93 -9.47
C GLU A 32 44.78 -8.49 -10.15
N PHE A 33 43.69 -8.43 -9.39
CA PHE A 33 42.46 -7.87 -9.94
C PHE A 33 42.67 -6.41 -10.32
N GLN A 34 42.04 -6.02 -11.41
CA GLN A 34 42.11 -4.66 -11.93
C GLN A 34 40.72 -4.04 -11.88
N ALA A 35 40.65 -2.77 -12.23
CA ALA A 35 39.38 -2.07 -12.30
C ALA A 35 39.44 -1.05 -13.43
N GLU A 36 38.48 -1.13 -14.34
CA GLU A 36 38.34 -0.12 -15.40
C GLU A 36 37.70 1.12 -14.78
N THR A 37 38.48 2.19 -14.66
CA THR A 37 38.03 3.37 -13.92
C THR A 37 36.90 4.08 -14.65
N LYS A 38 37.03 4.28 -15.96
CA LYS A 38 36.02 4.99 -16.73
C LYS A 38 34.64 4.33 -16.65
N LYS A 39 34.59 3.01 -16.78
CA LYS A 39 33.29 2.33 -16.65
C LYS A 39 32.74 2.46 -15.23
N LEU A 40 33.60 2.44 -14.22
CA LEU A 40 33.14 2.65 -12.85
C LEU A 40 32.53 4.03 -12.69
N LEU A 41 33.19 5.06 -13.25
CA LEU A 41 32.64 6.40 -13.21
C LEU A 41 31.28 6.44 -13.88
N ASP A 42 31.16 5.80 -15.04
CA ASP A 42 29.88 5.75 -15.75
C ASP A 42 28.82 5.02 -14.91
N ILE A 43 29.20 3.94 -14.24
CA ILE A 43 28.26 3.17 -13.42
C ILE A 43 27.72 4.02 -12.29
N VAL A 44 28.60 4.72 -11.58
CA VAL A 44 28.12 5.63 -10.54
C VAL A 44 27.25 6.73 -11.15
N ALA A 45 27.61 7.22 -12.33
CA ALA A 45 26.91 8.36 -12.90
C ALA A 45 25.52 8.02 -13.44
N ARG A 46 25.29 6.77 -13.85
CA ARG A 46 24.02 6.44 -14.50
C ARG A 46 23.29 5.22 -13.96
N SER A 47 23.91 4.39 -13.13
CA SER A 47 23.34 3.08 -12.79
C SER A 47 23.27 2.79 -11.30
N LEU A 48 23.67 3.72 -10.44
CA LEU A 48 23.71 3.41 -9.02
C LEU A 48 22.43 3.82 -8.28
N TYR A 49 22.01 5.06 -8.46
CA TYR A 49 20.91 5.65 -7.72
C TYR A 49 19.63 5.62 -8.53
N SER A 50 18.51 5.42 -7.84
CA SER A 50 17.23 5.39 -8.53
C SER A 50 16.79 6.78 -8.97
N GLU A 51 17.37 7.85 -8.42
CA GLU A 51 16.96 9.20 -8.81
C GLU A 51 18.15 10.15 -8.83
N LYS A 52 18.20 11.00 -9.85
CA LYS A 52 19.33 11.92 -10.06
C LYS A 52 19.48 12.90 -8.90
N GLU A 53 18.37 13.36 -8.33
CA GLU A 53 18.36 14.36 -7.26
C GLU A 53 19.28 13.98 -6.11
N VAL A 54 19.57 12.68 -5.97
CA VAL A 54 20.35 12.17 -4.85
C VAL A 54 21.76 12.77 -4.82
N PHE A 55 22.23 13.36 -5.93
CA PHE A 55 23.54 13.99 -5.87
C PHE A 55 23.57 15.06 -4.79
N ILE A 56 22.46 15.82 -4.64
CA ILE A 56 22.39 16.82 -3.59
C ILE A 56 22.64 16.16 -2.24
N ARG A 57 21.90 15.08 -1.95
CA ARG A 57 22.12 14.35 -0.70
C ARG A 57 23.60 14.05 -0.52
N GLU A 58 24.22 13.46 -1.54
CA GLU A 58 25.61 13.06 -1.39
C GLU A 58 26.49 14.26 -1.08
N LEU A 59 26.31 15.35 -1.84
CA LEU A 59 27.20 16.49 -1.65
C LEU A 59 26.96 17.10 -0.28
N ILE A 60 25.71 17.13 0.17
CA ILE A 60 25.48 17.72 1.48
C ILE A 60 26.12 16.85 2.55
N SER A 61 26.02 15.53 2.38
CA SER A 61 26.68 14.65 3.35
C SER A 61 28.17 14.95 3.39
N ASN A 62 28.77 15.16 2.21
CA ASN A 62 30.19 15.47 2.19
C ASN A 62 30.46 16.75 2.97
N GLY A 63 29.65 17.78 2.73
CA GLY A 63 29.85 19.02 3.47
C GLY A 63 29.73 18.77 4.96
N SER A 64 28.73 17.99 5.37
CA SER A 64 28.60 17.69 6.79
C SER A 64 29.86 17.04 7.31
N ASP A 65 30.36 16.03 6.58
CA ASP A 65 31.56 15.36 7.02
C ASP A 65 32.72 16.36 7.15
N ALA A 66 32.84 17.26 6.17
CA ALA A 66 33.91 18.24 6.23
C ALA A 66 33.79 19.06 7.50
N LEU A 67 32.59 19.56 7.79
CA LEU A 67 32.43 20.37 8.98
C LEU A 67 32.71 19.53 10.21
N GLU A 68 32.27 18.28 10.20
CA GLU A 68 32.49 17.43 11.36
C GLU A 68 33.98 17.29 11.61
N LYS A 69 34.78 17.13 10.54
CA LYS A 69 36.20 16.99 10.75
C LYS A 69 36.78 18.26 11.36
N LEU A 70 36.32 19.42 10.89
CA LEU A 70 36.82 20.67 11.46
C LEU A 70 36.42 20.75 12.92
N ARG A 71 35.19 20.35 13.26
CA ARG A 71 34.82 20.42 14.66
C ARG A 71 35.73 19.52 15.48
N HIS A 72 36.00 18.31 14.97
CA HIS A 72 36.93 17.42 15.66
C HIS A 72 38.28 18.10 15.79
N ARG A 73 38.73 18.75 14.71
CA ARG A 73 40.06 19.34 14.70
C ARG A 73 40.16 20.49 15.70
N MET A 74 39.04 21.14 15.99
CA MET A 74 39.11 22.24 16.93
C MET A 74 39.05 21.78 18.39
N ILE A 75 39.11 20.47 18.64
CA ILE A 75 39.08 20.04 20.03
C ILE A 75 40.45 20.19 20.68
N THR A 76 41.53 20.03 19.92
CA THR A 76 42.87 20.25 20.46
C THR A 76 43.61 21.35 19.73
N ALA A 77 43.84 21.23 18.42
CA ALA A 77 44.41 22.35 17.70
C ALA A 77 43.34 23.43 17.55
N GLY A 78 42.81 23.91 18.66
CA GLY A 78 41.67 24.80 18.64
C GLY A 78 41.98 26.12 17.95
N GLY A 79 40.92 26.88 17.71
CA GLY A 79 41.05 28.15 17.04
C GLY A 79 39.78 28.52 16.29
N ASP A 80 39.91 28.69 14.97
CA ASP A 80 38.79 29.12 14.15
C ASP A 80 38.67 28.27 12.90
N ALA A 82 35.47 30.07 13.41
CA ALA A 82 34.80 30.34 12.15
C ALA A 82 33.40 29.69 12.13
N PRO A 83 32.50 30.21 11.31
CA PRO A 83 31.16 29.65 11.23
C PRO A 83 31.16 28.33 10.49
N MET A 84 30.18 27.49 10.81
CA MET A 84 30.09 26.13 10.28
C MET A 84 28.75 26.00 9.57
N GLU A 85 28.77 26.11 8.24
CA GLU A 85 27.56 26.24 7.45
C GLU A 85 27.74 25.53 6.12
N ILE A 86 26.61 25.19 5.50
CA ILE A 86 26.55 24.66 4.15
C ILE A 86 25.70 25.62 3.34
N HIS A 87 26.23 26.13 2.24
CA HIS A 87 25.55 27.10 1.39
C HIS A 87 25.33 26.53 -0.01
N LEU A 88 24.11 26.68 -0.51
CA LEU A 88 23.72 26.25 -1.85
C LEU A 88 23.29 27.47 -2.65
N GLN A 89 23.66 27.49 -3.91
CA GLN A 89 23.31 28.58 -4.81
C GLN A 89 22.89 28.01 -6.15
N THR A 90 21.77 28.49 -6.67
CA THR A 90 21.28 28.07 -7.98
C THR A 90 21.37 29.25 -8.94
N ASP A 91 21.89 29.01 -10.14
CA ASP A 91 21.92 30.03 -11.19
C ASP A 91 21.17 29.46 -12.38
N SER A 92 19.91 29.90 -12.53
CA SER A 92 19.05 29.42 -13.61
C SER A 92 19.44 29.98 -14.96
N VAL A 93 20.26 31.04 -15.01
CA VAL A 93 20.67 31.57 -16.30
C VAL A 93 21.93 30.86 -16.81
N LYS A 94 22.89 30.61 -15.93
CA LYS A 94 24.06 29.82 -16.31
C LYS A 94 23.83 28.33 -16.16
N GLY A 95 22.70 27.92 -15.59
CA GLY A 95 22.42 26.52 -15.37
C GLY A 95 23.41 25.85 -14.42
N THR A 96 23.70 26.48 -13.28
CA THR A 96 24.68 25.93 -12.36
C THR A 96 24.06 25.67 -11.00
N PHE A 97 24.60 24.65 -10.35
CA PHE A 97 24.31 24.34 -8.95
C PHE A 97 25.62 24.45 -8.19
N THR A 98 25.63 25.17 -7.08
CA THR A 98 26.85 25.38 -6.30
C THR A 98 26.60 25.02 -4.85
N ILE A 99 27.50 24.24 -4.26
CA ILE A 99 27.48 23.99 -2.81
C ILE A 99 28.84 24.34 -2.25
N GLN A 100 28.86 25.06 -1.13
CA GLN A 100 30.08 25.43 -0.45
C GLN A 100 29.95 25.18 1.05
N ASP A 101 30.93 24.49 1.62
CA ASP A 101 31.02 24.30 3.05
C ASP A 101 32.24 25.04 3.57
N THR A 102 32.14 25.51 4.82
CA THR A 102 33.25 26.18 5.50
C THR A 102 34.04 25.20 6.34
N GLY A 103 34.24 24.00 5.81
CA GLY A 103 34.84 22.91 6.54
C GLY A 103 36.35 22.86 6.42
N VAL A 104 36.87 21.64 6.60
CA VAL A 104 38.30 21.40 6.71
C VAL A 104 39.03 21.62 5.39
N GLY A 105 38.32 21.58 4.26
CA GLY A 105 38.94 21.73 2.95
C GLY A 105 39.89 20.58 2.60
N MET A 106 40.66 20.81 1.53
CA MET A 106 41.55 19.80 0.98
C MET A 106 42.78 20.50 0.42
N ASN A 107 43.97 19.96 0.70
CA ASN A 107 45.18 20.39 -0.01
C ASN A 107 45.26 19.61 -1.32
N LYS A 108 46.40 19.70 -2.01
CA LYS A 108 46.50 19.09 -3.34
C LYS A 108 46.57 17.57 -3.24
N GLU A 109 47.23 17.04 -2.22
CA GLU A 109 47.29 15.59 -2.05
C GLU A 109 45.91 15.03 -1.71
N ASP A 110 45.14 15.78 -0.93
CA ASP A 110 43.79 15.35 -0.60
C ASP A 110 42.90 15.34 -1.83
N LEU A 111 43.00 16.38 -2.67
CA LEU A 111 42.20 16.44 -3.89
C LEU A 111 42.57 15.30 -4.84
N VAL A 112 43.86 15.08 -5.05
CA VAL A 112 44.28 14.06 -6.01
C VAL A 112 43.91 12.67 -5.51
N SER A 113 44.15 12.41 -4.23
CA SER A 113 43.94 11.08 -3.66
C SER A 113 42.47 10.74 -3.43
N ASN A 114 41.74 11.67 -2.81
CA ASN A 114 40.36 11.43 -2.41
C ASN A 114 39.39 11.63 -3.56
N LEU A 115 39.43 12.80 -4.21
CA LEU A 115 38.56 13.00 -5.37
C LEU A 115 39.01 12.15 -6.56
N GLY A 116 40.32 11.93 -6.71
CA GLY A 116 40.82 11.24 -7.89
C GLY A 116 40.72 9.73 -7.88
N THR A 117 40.48 9.11 -6.72
CA THR A 117 40.45 7.66 -6.63
C THR A 117 39.07 7.18 -6.21
N ILE A 118 38.43 6.38 -7.08
CA ILE A 118 37.14 5.79 -6.77
C ILE A 118 37.30 4.78 -5.63
N ALA A 119 36.37 4.83 -4.68
CA ALA A 119 36.29 3.95 -3.52
C ALA A 119 37.38 4.22 -2.49
N ARG A 120 38.15 5.30 -2.66
CA ARG A 120 39.02 5.77 -1.59
C ARG A 120 38.26 6.83 -0.79
N SER A 121 38.07 6.57 0.50
CA SER A 121 37.33 7.48 1.36
C SER A 121 38.27 8.04 2.42
N GLY A 122 38.45 9.36 2.40
CA GLY A 122 39.23 9.99 3.46
C GLY A 122 38.48 10.02 4.77
N SER A 123 37.15 10.10 4.71
CA SER A 123 36.35 10.08 5.94
C SER A 123 36.33 8.71 6.60
N LYS A 124 36.36 7.64 5.81
CA LYS A 124 36.54 6.30 6.37
C LYS A 124 37.86 6.21 7.13
N ALA A 125 38.96 6.65 6.50
CA ALA A 125 40.25 6.63 7.18
C ALA A 125 40.23 7.50 8.42
N PHE A 126 39.50 8.63 8.37
CA PHE A 126 39.36 9.50 9.54
C PHE A 126 38.66 8.75 10.67
N LEU A 127 37.53 8.11 10.36
CA LEU A 127 36.77 7.37 11.36
C LEU A 127 37.57 6.24 11.95
N ASP A 128 38.31 5.51 11.13
CA ASP A 128 39.10 4.38 11.59
C ASP A 128 40.21 4.80 12.56
N ALA A 129 40.68 6.05 12.50
CA ALA A 129 41.74 6.49 13.39
C ALA A 129 41.22 7.09 14.69
N LEU A 130 39.90 7.23 14.84
CA LEU A 130 39.34 7.89 16.00
C LEU A 130 39.23 6.95 17.19
N GLN A 131 39.42 7.51 18.38
CA GLN A 131 38.87 6.92 19.59
C GLN A 131 37.37 6.70 19.41
N ASN A 132 36.91 5.48 19.70
CA ASN A 132 35.53 5.11 19.41
C ASN A 132 34.54 5.99 20.17
N GLN A 133 34.94 6.50 21.33
CA GLN A 133 34.08 7.33 22.17
C GLN A 133 33.74 8.68 21.51
N ALA A 134 34.53 9.10 20.52
CA ALA A 134 34.42 10.45 19.99
C ALA A 134 33.05 10.71 19.35
N GLU A 135 32.63 11.96 19.40
CA GLU A 135 31.39 12.37 18.73
C GLU A 135 31.46 12.10 17.24
N ALA A 136 32.53 12.56 16.60
CA ALA A 136 32.70 12.37 15.16
C ALA A 136 32.56 10.91 14.75
N SER A 137 32.80 9.98 15.68
CA SER A 137 32.69 8.56 15.35
C SER A 137 31.31 8.20 14.82
N SER A 138 30.24 8.84 15.32
CA SER A 138 28.91 8.52 14.87
C SER A 138 28.26 9.58 13.99
N SER A 139 28.93 10.72 13.75
CA SER A 139 28.33 11.75 12.89
C SER A 139 28.80 11.70 11.45
N ILE A 140 29.94 11.06 11.17
CA ILE A 140 30.48 11.00 9.82
C ILE A 140 29.63 10.05 8.97
N ILE A 141 29.13 10.55 7.83
CA ILE A 141 28.23 9.84 6.91
C ILE A 141 28.97 9.29 5.68
N GLY A 142 30.23 8.92 5.80
CA GLY A 142 30.99 8.45 4.66
C GLY A 142 31.57 7.08 4.89
N GLN A 143 31.49 6.23 3.86
CA GLN A 143 32.12 4.91 3.98
C GLN A 143 32.69 4.41 2.66
N PHE A 144 31.98 4.65 1.56
CA PHE A 144 32.26 3.93 0.31
C PHE A 144 33.29 4.61 -0.56
N GLY A 145 33.35 5.94 -0.58
CA GLY A 145 34.25 6.61 -1.48
C GLY A 145 33.71 6.75 -2.88
N VAL A 146 32.39 6.86 -3.05
CA VAL A 146 31.82 7.06 -4.38
C VAL A 146 30.82 8.22 -4.45
N GLY A 147 30.30 8.72 -3.33
CA GLY A 147 29.22 9.70 -3.38
C GLY A 147 29.52 10.91 -4.24
N PHE A 148 30.75 11.41 -4.20
CA PHE A 148 31.12 12.59 -4.98
C PHE A 148 30.81 12.41 -6.46
N TYR A 149 31.07 11.21 -7.00
CA TYR A 149 30.90 11.04 -8.44
C TYR A 149 29.44 11.11 -8.86
N SER A 150 28.50 11.07 -7.90
CA SER A 150 27.11 11.32 -8.23
C SER A 150 26.93 12.67 -8.91
N ALA A 151 27.86 13.61 -8.71
CA ALA A 151 27.75 14.90 -9.38
C ALA A 151 27.74 14.76 -10.90
N PHE A 152 28.47 13.78 -11.45
CA PHE A 152 28.49 13.63 -12.90
C PHE A 152 27.20 13.01 -13.44
N MET A 153 26.33 12.55 -12.55
CA MET A 153 25.00 12.15 -12.95
C MET A 153 24.25 13.30 -13.58
N VAL A 154 24.50 14.53 -13.10
CA VAL A 154 23.72 15.69 -13.48
C VAL A 154 24.55 16.79 -14.13
N ALA A 155 25.87 16.66 -14.18
CA ALA A 155 26.73 17.76 -14.61
C ALA A 155 27.64 17.33 -15.74
N ASP A 156 27.73 18.18 -16.77
CA ASP A 156 28.76 18.02 -17.79
C ASP A 156 30.15 18.30 -17.22
N LYS A 157 30.27 19.31 -16.38
CA LYS A 157 31.56 19.70 -15.82
C LYS A 157 31.40 19.98 -14.33
N VAL A 158 32.43 19.63 -13.56
CA VAL A 158 32.50 19.84 -12.13
C VAL A 158 33.78 20.57 -11.83
N GLU A 159 33.68 21.63 -11.02
CA GLU A 159 34.86 22.33 -10.52
C GLU A 159 34.78 22.39 -9.00
N VAL A 160 35.91 22.18 -8.36
CA VAL A 160 36.04 22.17 -6.91
C VAL A 160 37.14 23.15 -6.52
N TYR A 161 36.78 24.21 -5.84
CA TYR A 161 37.75 25.11 -5.21
C TYR A 161 37.89 24.72 -3.74
N SER A 162 39.13 24.53 -3.29
CA SER A 162 39.34 24.03 -1.95
C SER A 162 40.51 24.73 -1.28
N GLN A 163 40.30 25.11 -0.02
CA GLN A 163 41.32 25.73 0.82
C GLN A 163 41.36 24.95 2.13
N SER A 164 42.46 24.23 2.36
CA SER A 164 42.61 23.43 3.56
C SER A 164 42.87 24.27 4.80
N ALA A 165 42.44 23.75 5.95
CA ALA A 165 42.58 24.46 7.22
C ALA A 165 44.02 24.55 7.68
N GLU A 166 44.95 23.84 7.03
CA GLU A 166 46.34 23.80 7.42
C GLU A 166 47.00 25.13 7.04
N ALA A 167 48.32 25.22 7.26
CA ALA A 167 49.07 26.44 6.98
C ALA A 167 50.41 26.09 6.37
N ALA A 169 49.16 26.44 3.38
CA ALA A 169 48.67 25.68 2.24
C ALA A 169 47.85 26.55 1.31
N PRO A 170 48.17 26.52 0.02
CA PRO A 170 47.49 27.40 -0.94
C PRO A 170 46.11 26.83 -1.26
N GLY A 171 45.32 27.65 -1.95
CA GLY A 171 44.05 27.18 -2.46
C GLY A 171 44.23 26.46 -3.78
N TYR A 172 43.29 25.60 -4.12
CA TYR A 172 43.38 24.83 -5.35
C TYR A 172 42.05 24.81 -6.08
N LYS A 173 42.12 24.64 -7.40
CA LYS A 173 40.98 24.34 -8.25
C LYS A 173 41.22 23.00 -8.91
N TRP A 174 40.28 22.08 -8.69
CA TRP A 174 40.21 20.76 -9.28
C TRP A 174 39.09 20.80 -10.30
N SER A 175 39.30 20.20 -11.47
CA SER A 175 38.31 20.35 -12.53
C SER A 175 38.22 19.07 -13.35
N SER A 176 37.00 18.71 -13.75
CA SER A 176 36.87 17.57 -14.64
C SER A 176 35.53 17.52 -15.33
N ASP A 177 35.50 16.76 -16.42
CA ASP A 177 34.27 16.49 -17.17
C ASP A 177 33.75 15.08 -16.91
N GLY A 178 34.38 14.35 -15.99
CA GLY A 178 34.00 12.99 -15.59
C GLY A 178 34.62 11.89 -16.42
N SER A 179 35.40 12.23 -17.43
CA SER A 179 35.88 11.30 -18.46
C SER A 179 37.33 10.82 -18.26
N GLY A 180 37.57 10.24 -17.09
CA GLY A 180 38.85 9.55 -16.85
C GLY A 180 39.99 10.47 -16.56
N VAL A 181 39.84 11.79 -16.69
CA VAL A 181 40.91 12.74 -16.38
C VAL A 181 40.36 13.96 -15.65
N PHE A 182 41.23 14.57 -14.85
CA PHE A 182 40.94 15.82 -14.17
C PHE A 182 42.22 16.64 -14.04
N GLU A 183 42.05 17.93 -13.78
CA GLU A 183 43.14 18.89 -13.70
C GLU A 183 43.19 19.55 -12.33
N VAL A 184 44.40 19.91 -11.92
CA VAL A 184 44.65 20.58 -10.64
C VAL A 184 45.53 21.81 -10.88
N ALA A 185 45.05 22.97 -10.47
CA ALA A 185 45.85 24.18 -10.48
C ALA A 185 45.70 24.92 -9.15
N GLU A 186 46.63 25.82 -8.88
CA GLU A 186 46.55 26.68 -7.70
C GLU A 186 45.57 27.84 -7.94
N ALA A 187 44.91 28.28 -6.87
CA ALA A 187 43.92 29.33 -7.00
C ALA A 187 43.92 30.25 -5.79
N SER A 188 43.56 31.50 -6.07
CA SER A 188 43.12 32.50 -5.11
C SER A 188 41.72 32.89 -5.52
N GLY A 189 40.96 33.52 -4.63
CA GLY A 189 41.11 33.43 -3.20
C GLY A 189 39.98 32.51 -2.78
N VAL A 190 40.34 31.29 -2.40
CA VAL A 190 39.37 30.30 -1.95
C VAL A 190 39.17 30.47 -0.44
N ARG A 191 37.92 30.65 -0.03
CA ARG A 191 37.62 30.66 1.39
C ARG A 191 37.89 29.27 1.96
N GLN A 192 38.32 29.23 3.22
CA GLN A 192 38.59 27.95 3.86
C GLN A 192 37.37 27.05 3.75
N GLY A 193 37.61 25.82 3.35
CA GLY A 193 36.54 24.92 3.02
C GLY A 193 36.53 24.60 1.54
N THR A 194 35.35 24.22 1.06
CA THR A 194 35.25 23.66 -0.27
C THR A 194 34.01 24.15 -0.99
N LYS A 195 34.20 24.60 -2.22
CA LYS A 195 33.12 25.06 -3.09
C LYS A 195 33.09 24.18 -4.34
N ILE A 196 31.94 23.61 -4.64
CA ILE A 196 31.76 22.73 -5.79
C ILE A 196 30.72 23.39 -6.70
N VAL A 197 31.10 23.59 -7.96
CA VAL A 197 30.22 24.16 -8.98
C VAL A 197 29.95 23.08 -10.02
N LEU A 198 28.67 22.75 -10.20
CA LEU A 198 28.20 21.78 -11.19
C LEU A 198 27.56 22.54 -12.35
N HIS A 199 28.13 22.40 -13.54
CA HIS A 199 27.52 22.92 -14.77
C HIS A 199 26.57 21.85 -15.29
N LEU A 200 25.28 22.07 -15.07
CA LEU A 200 24.26 21.04 -15.26
C LEU A 200 24.06 20.68 -16.73
N LYS A 201 23.75 19.41 -16.97
CA LYS A 201 23.37 18.96 -18.30
C LYS A 201 22.02 19.54 -18.68
N ASP A 202 21.74 19.54 -19.99
CA ASP A 202 20.53 20.19 -20.49
C ASP A 202 19.28 19.55 -19.92
N ASP A 203 19.31 18.24 -19.68
CA ASP A 203 18.16 17.55 -19.12
C ASP A 203 18.18 17.54 -17.60
N CYS A 204 19.02 18.37 -16.98
CA CYS A 204 19.10 18.42 -15.52
C CYS A 204 19.01 19.85 -15.00
N LYS A 205 18.67 20.81 -15.87
CA LYS A 205 18.61 22.21 -15.48
C LYS A 205 17.58 22.46 -14.39
N GLU A 206 16.68 21.50 -14.14
CA GLU A 206 15.75 21.62 -13.02
C GLU A 206 16.48 21.82 -11.70
N PHE A 207 17.72 21.34 -11.58
CA PHE A 207 18.46 21.54 -10.35
C PHE A 207 19.17 22.89 -10.29
N SER A 208 18.90 23.79 -11.25
CA SER A 208 19.22 25.20 -11.13
C SER A 208 17.99 26.00 -10.70
N SER A 209 16.90 25.31 -10.39
CA SER A 209 15.67 25.90 -9.88
C SER A 209 15.63 25.80 -8.36
N GLU A 210 15.37 26.93 -7.71
CA GLU A 210 15.47 27.00 -6.25
C GLU A 210 14.48 26.07 -5.57
N ASP A 211 13.23 26.06 -6.02
CA ASP A 211 12.21 25.27 -5.34
C ASP A 211 12.46 23.77 -5.48
N ARG A 212 13.00 23.35 -6.63
CA ARG A 212 13.38 21.96 -6.82
C ARG A 212 14.47 21.55 -5.84
N VAL A 213 15.52 22.37 -5.75
CA VAL A 213 16.62 22.08 -4.83
C VAL A 213 16.11 21.99 -3.40
N LYS A 214 15.23 22.93 -3.02
CA LYS A 214 14.71 22.93 -1.65
C LYS A 214 13.89 21.67 -1.37
N GLU A 215 13.10 21.23 -2.36
CA GLU A 215 12.42 19.95 -2.22
C GLU A 215 13.40 18.85 -1.87
N VAL A 216 14.50 18.76 -2.62
CA VAL A 216 15.44 17.67 -2.40
C VAL A 216 16.07 17.78 -1.02
N VAL A 217 16.48 19.00 -0.64
CA VAL A 217 17.17 19.19 0.63
C VAL A 217 16.27 18.76 1.78
N THR A 218 15.05 19.29 1.82
CA THR A 218 14.13 18.86 2.87
C THR A 218 13.88 17.36 2.83
N LYS A 219 13.91 16.76 1.64
CA LYS A 219 13.62 15.33 1.55
C LYS A 219 14.69 14.49 2.24
N TYR A 220 15.96 14.72 1.91
CA TYR A 220 17.01 13.82 2.42
C TYR A 220 17.84 14.39 3.55
N SER A 221 18.01 15.72 3.62
CA SER A 221 19.04 16.31 4.46
C SER A 221 18.47 17.32 5.44
N ASN A 222 17.19 17.19 5.77
CA ASN A 222 16.50 18.16 6.61
C ASN A 222 16.98 18.14 8.05
N PHE A 223 17.72 17.11 8.45
CA PHE A 223 18.18 16.97 9.82
C PHE A 223 19.69 16.98 9.94
N VAL A 224 20.39 17.38 8.88
CA VAL A 224 21.83 17.56 8.93
C VAL A 224 22.16 18.49 10.09
N SER A 225 23.25 18.21 10.80
CA SER A 225 23.50 18.95 12.04
C SER A 225 24.04 20.35 11.81
N PHE A 226 24.19 20.79 10.57
CA PHE A 226 24.73 22.12 10.36
C PHE A 226 23.73 22.96 9.56
N PRO A 227 23.74 24.28 9.75
CA PRO A 227 22.80 25.12 9.02
C PRO A 227 23.01 25.00 7.52
N ILE A 228 21.92 24.84 6.79
CA ILE A 228 21.92 24.81 5.34
C ILE A 228 21.19 26.05 4.83
N PHE A 229 21.90 26.84 4.04
CA PHE A 229 21.37 28.04 3.41
C PHE A 229 21.23 27.80 1.92
N LEU A 230 20.12 28.28 1.35
CA LEU A 230 19.89 28.23 -0.09
C LEU A 230 19.68 29.66 -0.58
N ASN A 231 20.56 30.12 -1.46
CA ASN A 231 20.50 31.48 -2.00
C ASN A 231 20.37 32.51 -0.88
N GLY A 232 21.10 32.27 0.21
CA GLY A 232 21.13 33.20 1.31
C GLY A 232 20.06 33.02 2.36
N ARG A 233 19.15 32.06 2.18
CA ARG A 233 18.07 31.80 3.13
C ARG A 233 18.23 30.43 3.76
N ARG A 234 18.00 30.35 5.08
CA ARG A 234 18.18 29.10 5.81
C ARG A 234 17.02 28.14 5.63
N LEU A 235 17.36 26.85 5.44
CA LEU A 235 16.38 25.78 5.28
C LEU A 235 16.08 24.97 6.55
N ASN A 236 17.03 24.12 6.95
CA ASN A 236 16.81 23.02 7.91
C ASN A 236 16.73 23.52 9.37
N THR A 237 15.55 23.99 9.74
CA THR A 237 15.35 24.42 11.12
C THR A 237 14.87 23.31 12.06
N LEU A 238 14.89 22.05 11.66
CA LEU A 238 14.31 21.00 12.48
C LEU A 238 15.40 20.23 13.20
N GLN A 239 15.22 20.06 14.50
CA GLN A 239 16.09 19.18 15.29
C GLN A 239 15.70 17.73 15.09
N ALA A 240 16.72 16.86 15.06
CA ALA A 240 16.50 15.42 14.97
C ALA A 240 16.18 14.91 16.36
N LEU A 241 14.90 15.06 16.74
CA LEU A 241 14.47 14.78 18.10
C LEU A 241 14.80 13.35 18.54
N TRP A 242 14.88 12.40 17.60
CA TRP A 242 15.13 11.02 17.98
C TRP A 242 16.55 10.79 18.50
N MET A 243 17.46 11.74 18.30
CA MET A 243 18.80 11.62 18.83
C MET A 243 18.94 12.21 20.23
N MET A 244 17.97 12.97 20.68
CA MET A 244 18.11 13.68 21.94
C MET A 244 17.55 12.86 23.11
N GLU A 245 17.94 13.29 24.30
CA GLU A 245 17.55 12.61 25.52
C GLU A 245 16.05 12.70 25.69
N PRO A 246 15.34 11.57 25.83
CA PRO A 246 13.88 11.63 25.97
C PRO A 246 13.45 12.62 27.04
N LYS A 247 14.31 12.85 28.03
CA LYS A 247 14.05 13.85 29.06
C LYS A 247 13.80 15.25 28.49
N ASP A 248 14.46 15.62 27.38
CA ASP A 248 14.46 17.00 26.89
C ASP A 248 13.40 17.33 25.83
N ILE A 249 12.45 16.46 25.56
CA ILE A 249 11.47 16.70 24.52
C ILE A 249 10.14 17.05 25.18
N SER A 250 9.64 18.26 24.89
CA SER A 250 8.28 18.66 25.25
C SER A 250 7.29 17.84 24.51
N GLU A 251 6.06 17.86 25.03
CA GLU A 251 4.97 17.36 24.22
C GLU A 251 4.79 18.22 22.96
N TRP A 252 5.07 19.53 23.02
CA TRP A 252 4.96 20.36 21.82
C TRP A 252 5.97 19.95 20.75
N GLN A 253 7.21 19.65 21.17
CA GLN A 253 8.18 19.14 20.22
C GLN A 253 7.63 17.91 19.51
N HIS A 254 7.09 16.97 20.30
CA HIS A 254 6.62 15.71 19.74
C HIS A 254 5.44 15.93 18.80
N GLU A 255 4.51 16.83 19.14
CA GLU A 255 3.36 17.04 18.26
C GLU A 255 3.77 17.67 16.94
N GLU A 256 4.66 18.65 16.99
CA GLU A 256 5.14 19.26 15.75
C GLU A 256 5.94 18.26 14.93
N PHE A 257 6.82 17.50 15.60
CA PHE A 257 7.64 16.51 14.92
C PHE A 257 6.78 15.40 14.32
N TYR A 258 5.75 14.96 15.04
CA TYR A 258 4.83 13.96 14.52
C TYR A 258 4.16 14.46 13.26
N ARG A 259 3.62 15.68 13.30
CA ARG A 259 2.94 16.19 12.12
C ARG A 259 3.89 16.26 10.94
N TYR A 260 5.12 16.72 11.15
CA TYR A 260 6.11 16.72 10.07
C TYR A 260 6.36 15.30 9.55
N VAL A 261 6.75 14.37 10.43
CA VAL A 261 7.25 13.07 9.99
C VAL A 261 6.13 12.18 9.45
N ALA A 262 4.90 12.37 9.93
CA ALA A 262 3.77 11.59 9.48
C ALA A 262 2.98 12.31 8.40
N GLN A 263 3.39 13.52 8.05
CA GLN A 263 2.64 14.40 7.15
C GLN A 263 1.18 14.50 7.58
N ALA A 264 0.97 14.85 8.85
CA ALA A 264 -0.34 14.81 9.48
C ALA A 264 -0.70 16.17 10.06
N TYR A 265 -1.93 16.26 10.56
CA TYR A 265 -2.48 17.51 11.09
C TYR A 265 -3.18 17.36 12.44
N ASP A 266 -3.12 16.17 13.06
CA ASP A 266 -3.68 15.90 14.38
C ASP A 266 -2.54 15.84 15.41
N LYS A 267 -2.75 15.08 16.47
CA LYS A 267 -1.75 14.92 17.52
C LYS A 267 -1.46 13.44 17.65
N PRO A 268 -0.28 13.09 18.15
CA PRO A 268 -0.04 11.68 18.49
C PRO A 268 -0.82 11.35 19.76
N ARG A 269 -1.57 10.26 19.72
CA ARG A 269 -2.21 9.80 20.94
C ARG A 269 -1.23 9.00 21.78
N TYR A 270 -0.26 8.35 21.15
CA TYR A 270 0.80 7.69 21.92
C TYR A 270 2.16 8.06 21.35
N THR A 271 3.14 8.20 22.25
CA THR A 271 4.52 8.50 21.88
C THR A 271 5.45 7.53 22.58
N LEU A 272 6.27 6.83 21.81
CA LEU A 272 7.30 5.94 22.34
C LEU A 272 8.65 6.44 21.83
N HIS A 273 9.47 6.96 22.72
CA HIS A 273 10.81 7.42 22.36
C HIS A 273 11.78 6.35 22.84
N TYR A 274 12.31 5.58 21.90
CA TYR A 274 13.09 4.40 22.23
C TYR A 274 14.52 4.60 21.76
N ARG A 275 15.43 4.64 22.72
CA ARG A 275 16.86 4.66 22.43
C ARG A 275 17.51 3.49 23.15
N ALA A 276 18.39 2.80 22.44
CA ALA A 276 19.09 1.70 23.06
C ALA A 276 20.47 1.61 22.44
N ASP A 277 21.38 1.06 23.21
CA ASP A 277 22.75 0.84 22.77
C ASP A 277 23.05 -0.63 22.60
N ALA A 278 22.18 -1.49 23.12
CA ALA A 278 22.27 -2.93 23.05
C ALA A 278 20.86 -3.44 22.73
N PRO A 279 20.74 -4.47 21.88
CA PRO A 279 21.88 -5.16 21.27
C PRO A 279 22.47 -4.43 20.07
N LEU A 280 21.78 -3.40 19.57
CA LEU A 280 22.26 -2.58 18.46
C LEU A 280 21.97 -1.11 18.75
N ASN A 281 22.61 -0.22 17.99
CA ASN A 281 22.35 1.21 18.12
C ASN A 281 20.98 1.57 17.57
N ILE A 282 20.10 2.07 18.44
CA ILE A 282 18.74 2.43 18.08
C ILE A 282 18.45 3.82 18.61
N ARG A 283 18.01 4.72 17.72
CA ARG A 283 17.49 6.02 18.10
C ARG A 283 16.17 6.17 17.34
N SER A 284 15.04 6.15 18.05
CA SER A 284 13.79 6.09 17.33
C SER A 284 12.68 6.76 18.12
N ILE A 285 11.64 7.14 17.39
CA ILE A 285 10.40 7.66 17.96
C ILE A 285 9.26 7.06 17.17
N PHE A 286 8.30 6.49 17.86
CA PHE A 286 7.10 5.91 17.27
C PHE A 286 5.91 6.68 17.79
N TYR A 287 4.94 6.91 16.91
CA TYR A 287 3.73 7.63 17.27
C TYR A 287 2.53 6.80 16.85
N VAL A 288 1.52 6.80 17.71
CA VAL A 288 0.18 6.34 17.34
C VAL A 288 -0.67 7.58 17.11
N PRO A 289 -1.23 7.76 15.92
CA PRO A 289 -2.03 8.95 15.62
C PRO A 289 -3.31 8.95 16.42
N GLU A 290 -3.86 10.16 16.57
CA GLU A 290 -5.15 10.30 17.22
C GLU A 290 -6.29 9.86 16.34
N MET A 291 -6.24 10.13 15.04
CA MET A 291 -7.41 9.81 14.27
C MET A 291 -7.42 8.34 13.89
N LYS A 292 -8.59 7.88 13.47
CA LYS A 292 -8.80 6.47 13.26
C LYS A 292 -8.46 6.11 11.81
N PRO A 293 -7.91 4.91 11.55
CA PRO A 293 -7.46 4.64 10.17
C PRO A 293 -8.61 4.25 9.26
N SER A 305 4.31 5.59 6.57
CA SER A 305 4.84 4.56 7.46
C SER A 305 5.82 5.14 8.48
N VAL A 306 6.78 4.31 8.89
CA VAL A 306 7.95 4.76 9.66
C VAL A 306 9.09 4.94 8.68
N ALA A 307 9.81 6.04 8.83
CA ALA A 307 10.95 6.35 7.97
C ALA A 307 12.23 5.77 8.57
N LEU A 308 13.12 5.33 7.69
CA LEU A 308 14.41 4.80 8.13
C LEU A 308 15.49 5.83 7.86
N TYR A 309 16.30 6.09 8.88
CA TYR A 309 17.37 7.06 8.82
C TYR A 309 18.65 6.37 9.27
N SER A 310 19.78 6.97 8.93
CA SER A 310 21.06 6.53 9.49
C SER A 310 21.95 7.75 9.56
N ARG A 311 22.48 8.02 10.75
CA ARG A 311 23.32 9.20 11.00
C ARG A 311 22.62 10.47 10.51
N LYS A 312 21.32 10.55 10.79
CA LYS A 312 20.47 11.71 10.51
C LYS A 312 20.18 11.89 9.02
N ILE A 313 20.54 10.93 8.16
CA ILE A 313 20.27 11.04 6.73
C ILE A 313 19.21 10.02 6.34
N LEU A 314 18.26 10.45 5.51
CA LEU A 314 17.16 9.58 5.10
C LEU A 314 17.70 8.44 4.26
N ILE A 315 17.26 7.21 4.57
CA ILE A 315 17.53 6.06 3.73
C ILE A 315 16.24 5.71 2.98
N GLN A 316 15.17 5.43 3.72
CA GLN A 316 13.88 5.08 3.15
C GLN A 316 12.77 5.90 3.80
N THR A 317 11.88 6.48 3.00
CA THR A 317 10.76 7.19 3.60
C THR A 317 9.70 6.23 4.09
N LYS A 318 9.76 4.98 3.61
CA LYS A 318 8.85 3.90 3.97
C LYS A 318 9.77 2.74 4.34
N ALA A 319 10.18 2.67 5.60
CA ALA A 319 11.03 1.57 6.04
C ALA A 319 10.30 0.25 5.81
N THR A 320 11.00 -0.70 5.21
CA THR A 320 10.34 -1.89 4.65
C THR A 320 10.47 -3.13 5.52
N ASP A 321 11.63 -3.39 6.13
CA ASP A 321 11.84 -4.63 6.85
C ASP A 321 12.20 -4.43 8.32
N ILE A 322 12.11 -3.22 8.87
CA ILE A 322 12.49 -3.03 10.25
C ILE A 322 11.34 -3.16 11.23
N LEU A 323 10.12 -3.03 10.76
CA LEU A 323 8.99 -3.35 11.63
C LEU A 323 8.22 -4.52 11.05
N PRO A 324 7.56 -5.32 11.88
CA PRO A 324 6.66 -6.32 11.31
C PRO A 324 5.48 -5.71 10.58
N LYS A 325 4.85 -6.48 9.67
CA LYS A 325 3.75 -5.89 8.89
C LYS A 325 2.60 -5.46 9.70
N TRP A 326 2.34 -6.07 10.87
CA TRP A 326 1.16 -5.62 11.62
C TRP A 326 1.34 -4.28 12.38
N LEU A 327 2.57 -3.79 12.53
CA LEU A 327 2.83 -2.50 13.16
C LEU A 327 2.94 -1.36 12.14
N ARG A 328 2.39 -1.54 10.94
CA ARG A 328 2.45 -0.50 9.91
C ARG A 328 1.62 0.73 10.27
N PHE A 329 0.80 0.67 11.32
CA PHE A 329 0.03 1.83 11.74
C PHE A 329 0.88 2.82 12.54
N LEU A 330 2.05 2.42 13.02
CA LEU A 330 2.94 3.37 13.67
C LEU A 330 3.47 4.38 12.67
N ARG A 331 3.71 5.59 13.15
CA ARG A 331 4.39 6.61 12.36
C ARG A 331 5.68 6.96 13.10
N GLY A 332 6.60 7.66 12.42
CA GLY A 332 7.78 8.14 13.11
C GLY A 332 9.06 7.74 12.39
N VAL A 333 10.11 7.50 13.19
CA VAL A 333 11.48 7.45 12.70
C VAL A 333 12.25 6.38 13.44
N VAL A 334 13.02 5.58 12.70
CA VAL A 334 14.03 4.68 13.25
C VAL A 334 15.37 5.07 12.61
N ASP A 335 16.39 5.28 13.45
CA ASP A 335 17.73 5.62 13.01
C ASP A 335 18.69 4.63 13.66
N SER A 336 19.58 4.06 12.86
CA SER A 336 20.65 3.23 13.43
C SER A 336 21.97 3.52 12.74
N GLU A 337 23.02 3.69 13.56
CA GLU A 337 24.36 3.88 13.03
C GLU A 337 24.91 2.59 12.42
N ASP A 338 24.48 1.45 12.95
CA ASP A 338 25.05 0.14 12.64
C ASP A 338 24.44 -0.57 11.44
N ILE A 339 23.31 -0.08 10.92
CA ILE A 339 22.60 -0.79 9.85
C ILE A 339 23.48 -0.86 8.60
N PRO A 340 23.68 -2.03 8.02
CA PRO A 340 24.53 -2.13 6.84
C PRO A 340 23.79 -1.59 5.63
N LEU A 341 24.33 -0.56 5.01
CA LEU A 341 23.71 0.14 3.90
C LEU A 341 24.13 -0.44 2.56
N ASN A 342 23.17 -0.53 1.65
CA ASN A 342 23.50 -0.82 0.26
C ASN A 342 24.26 0.37 -0.33
N LEU A 343 25.09 0.07 -1.35
CA LEU A 343 25.93 1.09 -1.98
C LEU A 343 25.14 2.34 -2.39
N SER A 344 23.87 2.18 -2.76
CA SER A 344 23.06 3.31 -3.20
C SER A 344 22.51 4.12 -2.02
N ARG A 345 22.63 3.62 -0.80
CA ARG A 345 22.13 4.27 0.41
C ARG A 345 20.62 4.52 0.37
N GLU A 346 19.87 3.66 -0.34
CA GLU A 346 18.42 3.73 -0.32
C GLU A 346 17.84 2.35 -0.05
N LEU A 347 18.69 1.39 0.25
CA LEU A 347 18.32 0.02 0.60
C LEU A 347 19.21 -0.42 1.74
N LEU A 348 18.78 -1.48 2.42
CA LEU A 348 19.65 -2.15 3.36
C LEU A 348 20.08 -3.48 2.80
N GLN A 349 21.15 -4.01 3.37
CA GLN A 349 21.69 -5.28 2.92
C GLN A 349 21.07 -6.37 3.76
N GLU A 350 20.77 -7.50 3.13
CA GLU A 350 20.39 -8.73 3.80
C GLU A 350 21.29 -8.93 5.01
N SER A 351 20.69 -8.96 6.21
CA SER A 351 21.52 -9.12 7.40
C SER A 351 20.71 -9.67 8.56
N ALA A 352 21.35 -10.52 9.37
CA ALA A 352 20.73 -11.00 10.60
C ALA A 352 20.48 -9.86 11.58
N LEU A 353 21.35 -8.85 11.57
CA LEU A 353 21.14 -7.65 12.37
C LEU A 353 19.77 -7.03 12.13
N ILE A 354 19.30 -7.01 10.88
CA ILE A 354 18.03 -6.34 10.59
C ILE A 354 16.86 -7.15 11.15
N ARG A 355 16.94 -8.48 11.06
CA ARG A 355 15.87 -9.30 11.64
C ARG A 355 15.86 -9.20 13.16
N LYS A 356 17.05 -9.13 13.77
CA LYS A 356 17.13 -8.91 15.21
C LYS A 356 16.51 -7.56 15.58
N LEU A 357 16.83 -6.52 14.82
CA LEU A 357 16.25 -5.20 15.08
C LEU A 357 14.73 -5.25 15.00
N ARG A 358 14.19 -5.92 13.98
CA ARG A 358 12.74 -6.02 13.84
C ARG A 358 12.13 -6.73 15.05
N ASP A 359 12.73 -7.83 15.49
CA ASP A 359 12.19 -8.56 16.64
C ASP A 359 12.27 -7.72 17.92
N VAL A 360 13.38 -7.00 18.10
CA VAL A 360 13.55 -6.13 19.26
C VAL A 360 12.46 -5.07 19.29
N LEU A 361 12.27 -4.39 18.15
CA LEU A 361 11.27 -3.32 18.10
C LEU A 361 9.87 -3.86 18.32
N GLN A 362 9.57 -5.05 17.78
CA GLN A 362 8.26 -5.64 18.04
C GLN A 362 8.04 -5.84 19.53
N GLN A 363 8.99 -6.50 20.21
CA GLN A 363 8.87 -6.69 21.65
C GLN A 363 8.71 -5.35 22.37
N ARG A 364 9.49 -4.35 21.98
CA ARG A 364 9.47 -3.07 22.66
C ARG A 364 8.12 -2.38 22.52
N VAL A 365 7.55 -2.41 21.30
CA VAL A 365 6.26 -1.78 21.07
C VAL A 365 5.17 -2.51 21.84
N ILE A 366 5.22 -3.84 21.85
CA ILE A 366 4.22 -4.61 22.61
C ILE A 366 4.28 -4.24 24.08
N ARG A 367 5.49 -4.21 24.66
CA ARG A 367 5.62 -3.85 26.07
C ARG A 367 5.08 -2.46 26.33
N PHE A 368 5.37 -1.52 25.42
CA PHE A 368 4.84 -0.16 25.55
C PHE A 368 3.32 -0.16 25.57
N LEU A 369 2.71 -0.87 24.62
CA LEU A 369 1.26 -0.87 24.51
C LEU A 369 0.61 -1.52 25.73
N LEU A 370 1.19 -2.60 26.24
CA LEU A 370 0.69 -3.23 27.46
C LEU A 370 0.72 -2.24 28.63
N ASP A 371 1.85 -1.55 28.79
CA ASP A 371 1.94 -0.63 29.92
C ASP A 371 1.00 0.56 29.74
N GLN A 372 0.75 0.99 28.50
CA GLN A 372 -0.31 1.97 28.30
C GLN A 372 -1.65 1.42 28.75
N SER A 373 -1.90 0.14 28.48
CA SER A 373 -3.20 -0.43 28.82
C SER A 373 -3.40 -0.51 30.32
N LYS A 374 -2.31 -0.59 31.08
CA LYS A 374 -2.48 -0.57 32.53
C LYS A 374 -2.36 0.83 33.14
N LYS A 375 -1.70 1.76 32.46
CA LYS A 375 -1.59 3.12 32.98
C LYS A 375 -2.87 3.92 32.72
N ASP A 376 -3.58 3.59 31.65
CA ASP A 376 -4.85 4.25 31.34
C ASP A 376 -5.72 3.27 30.57
N PRO A 377 -6.51 2.46 31.28
CA PRO A 377 -7.30 1.42 30.60
C PRO A 377 -8.38 1.95 29.69
N GLU A 378 -8.89 3.16 29.94
CA GLU A 378 -9.96 3.72 29.11
C GLU A 378 -9.43 4.22 27.77
N LYS A 379 -8.36 5.02 27.82
CA LYS A 379 -7.66 5.41 26.61
C LYS A 379 -7.23 4.18 25.82
N TYR A 380 -6.75 3.14 26.51
CA TYR A 380 -6.36 1.94 25.79
C TYR A 380 -7.56 1.24 25.17
N ALA A 381 -8.73 1.27 25.84
CA ALA A 381 -9.90 0.64 25.26
C ALA A 381 -10.22 1.26 23.92
N ARG A 382 -10.06 2.56 23.85
CA ARG A 382 -10.40 3.35 22.67
C ARG A 382 -9.33 3.19 21.59
N PHE A 383 -8.08 3.05 22.01
CA PHE A 383 -7.01 2.66 21.09
C PHE A 383 -7.30 1.31 20.48
N PHE A 384 -7.74 0.35 21.29
CA PHE A 384 -7.94 -0.99 20.78
C PHE A 384 -9.17 -1.06 19.89
N GLU A 385 -10.19 -0.26 20.18
CA GLU A 385 -11.31 -0.18 19.26
C GLU A 385 -10.90 0.43 17.93
N ASP A 386 -9.92 1.34 17.94
CA ASP A 386 -9.51 1.95 16.68
C ASP A 386 -8.50 1.12 15.89
N TYR A 387 -7.65 0.36 16.58
CA TYR A 387 -6.51 -0.28 15.92
C TYR A 387 -6.41 -1.79 16.11
N GLY A 388 -7.37 -2.43 16.80
CA GLY A 388 -7.27 -3.84 17.13
C GLY A 388 -7.15 -4.74 15.92
N LEU A 389 -7.67 -4.30 14.78
CA LEU A 389 -7.57 -5.11 13.57
C LEU A 389 -6.11 -5.39 13.24
N PHE A 390 -5.21 -4.46 13.55
CA PHE A 390 -3.80 -4.69 13.30
C PHE A 390 -3.23 -5.80 14.18
N MET A 391 -3.67 -5.88 15.43
CA MET A 391 -3.20 -6.94 16.33
C MET A 391 -3.84 -8.29 16.00
N ARG A 392 -5.11 -8.28 15.61
CA ARG A 392 -5.71 -9.53 15.10
C ARG A 392 -4.89 -10.05 13.92
N GLU A 393 -4.59 -9.16 12.97
CA GLU A 393 -3.77 -9.56 11.83
C GLU A 393 -2.40 -10.06 12.28
N GLY A 394 -1.78 -9.38 13.25
CA GLY A 394 -0.49 -9.83 13.74
C GLY A 394 -0.53 -11.23 14.30
N ILE A 395 -1.53 -11.50 15.15
CA ILE A 395 -1.68 -12.84 15.71
C ILE A 395 -1.89 -13.86 14.61
N VAL A 396 -2.70 -13.51 13.61
CA VAL A 396 -3.00 -14.47 12.55
C VAL A 396 -1.75 -14.75 11.72
N THR A 397 -0.87 -13.76 11.54
CA THR A 397 0.22 -13.89 10.59
C THR A 397 1.57 -14.32 11.17
N THR A 398 1.77 -14.27 12.49
CA THR A 398 3.09 -14.65 12.99
C THR A 398 3.14 -16.14 13.28
N GLY A 399 4.33 -16.72 13.11
CA GLY A 399 4.51 -18.15 13.22
C GLY A 399 4.87 -18.61 14.62
N GLU A 400 5.35 -17.68 15.45
CA GLU A 400 5.87 -18.02 16.77
C GLU A 400 4.76 -17.85 17.80
N GLN A 401 4.58 -18.87 18.64
CA GLN A 401 3.43 -18.88 19.57
C GLN A 401 3.62 -17.92 20.73
N SER A 402 4.85 -17.77 21.24
CA SER A 402 5.05 -16.79 22.31
C SER A 402 4.79 -15.38 21.80
N VAL A 403 5.09 -15.12 20.53
CA VAL A 403 4.78 -13.81 19.96
C VAL A 403 3.27 -13.65 19.78
N LYS A 404 2.59 -14.71 19.35
CA LYS A 404 1.13 -14.66 19.29
C LYS A 404 0.53 -14.36 20.65
N GLU A 405 1.07 -14.95 21.71
CA GLU A 405 0.54 -14.72 23.06
C GLU A 405 0.90 -13.33 23.58
N ASP A 406 2.10 -12.86 23.23
CA ASP A 406 2.49 -11.50 23.58
C ASP A 406 1.50 -10.50 22.98
N ILE A 407 1.23 -10.64 21.69
CA ILE A 407 0.26 -9.77 21.03
C ILE A 407 -1.13 -9.98 21.62
N ALA A 408 -1.48 -11.24 21.91
CA ALA A 408 -2.80 -11.57 22.42
C ALA A 408 -3.07 -10.95 23.78
N LYS A 409 -2.03 -10.59 24.51
CA LYS A 409 -2.24 -9.83 25.74
C LYS A 409 -2.89 -8.48 25.47
N LEU A 410 -2.85 -8.00 24.23
CA LEU A 410 -3.41 -6.70 23.88
C LEU A 410 -4.90 -6.74 23.56
N LEU A 411 -5.46 -7.92 23.30
CA LEU A 411 -6.84 -8.05 22.87
C LEU A 411 -7.83 -7.78 24.01
N ARG A 412 -9.02 -7.30 23.64
CA ARG A 412 -10.11 -7.09 24.57
C ARG A 412 -11.37 -7.77 24.04
N PHE A 413 -12.23 -8.20 24.97
CA PHE A 413 -13.49 -8.83 24.64
C PHE A 413 -14.51 -8.43 25.70
N GLU A 414 -15.74 -8.86 25.50
CA GLU A 414 -16.75 -8.86 26.55
C GLU A 414 -16.84 -10.29 27.09
N SER A 415 -17.61 -10.48 28.15
CA SER A 415 -17.67 -11.81 28.72
C SER A 415 -19.06 -12.06 29.27
N SER A 416 -19.41 -13.34 29.32
CA SER A 416 -20.67 -13.78 29.93
C SER A 416 -20.79 -13.41 31.40
N ALA A 417 -19.67 -13.23 32.10
CA ALA A 417 -19.68 -12.93 33.52
C ALA A 417 -19.48 -11.45 33.82
N LEU A 418 -19.59 -10.60 32.80
CA LEU A 418 -19.47 -9.16 33.01
C LEU A 418 -20.57 -8.43 32.25
N PRO A 419 -21.01 -7.29 32.79
CA PRO A 419 -22.05 -6.49 32.12
C PRO A 419 -21.65 -6.06 30.71
N ALA A 420 -22.69 -5.83 29.88
CA ALA A 420 -22.48 -5.35 28.53
C ALA A 420 -21.71 -4.03 28.53
N GLY A 421 -20.76 -3.91 27.60
CA GLY A 421 -19.93 -2.75 27.48
C GLY A 421 -18.59 -2.89 28.18
N GLN A 422 -18.55 -3.70 29.24
CA GLN A 422 -17.31 -3.88 30.00
C GLN A 422 -16.31 -4.71 29.22
N GLN A 423 -15.10 -4.18 29.07
CA GLN A 423 -14.04 -4.89 28.37
C GLN A 423 -13.22 -5.70 29.37
N THR A 424 -12.82 -6.90 28.95
CA THR A 424 -11.92 -7.72 29.76
C THR A 424 -10.87 -8.36 28.86
N SER A 425 -9.86 -8.94 29.50
CA SER A 425 -8.71 -9.52 28.82
C SER A 425 -8.66 -11.02 29.06
N LEU A 426 -7.73 -11.67 28.37
CA LEU A 426 -7.45 -13.08 28.63
C LEU A 426 -6.90 -13.28 30.04
N MET A 427 -6.09 -12.34 30.52
CA MET A 427 -5.51 -12.48 31.86
C MET A 427 -6.57 -12.43 32.95
N GLU A 428 -7.56 -11.54 32.80
CA GLU A 428 -8.63 -11.47 33.79
C GLU A 428 -9.54 -12.69 33.69
N TYR A 429 -9.77 -13.20 32.48
CA TYR A 429 -10.53 -14.44 32.35
C TYR A 429 -9.82 -15.58 33.09
N SER A 430 -8.47 -15.65 33.03
CA SER A 430 -7.80 -16.68 33.85
C SER A 430 -7.89 -16.34 35.31
N SER A 431 -8.04 -15.07 35.57
CA SER A 431 -7.99 -14.61 36.93
C SER A 431 -9.23 -15.03 37.68
N ARG A 432 -10.35 -15.17 36.98
CA ARG A 432 -11.60 -15.57 37.59
C ARG A 432 -11.87 -17.06 37.45
N MET A 433 -10.89 -17.85 37.02
CA MET A 433 -11.08 -19.29 36.89
C MET A 433 -10.98 -19.99 38.25
N GLY A 436 -9.11 -24.54 39.76
CA GLY A 436 -9.25 -25.90 39.26
C GLY A 436 -9.81 -26.04 37.84
N THR A 437 -9.83 -24.94 37.09
CA THR A 437 -10.41 -24.89 35.76
C THR A 437 -9.32 -24.78 34.70
N ARG A 438 -9.51 -25.43 33.54
CA ARG A 438 -8.42 -25.61 32.59
C ARG A 438 -8.53 -24.90 31.25
N ASN A 439 -9.69 -24.38 30.87
CA ASN A 439 -9.85 -23.91 29.50
C ASN A 439 -10.60 -22.58 29.44
N ILE A 440 -10.32 -21.81 28.39
CA ILE A 440 -10.97 -20.53 28.17
C ILE A 440 -11.96 -20.71 27.02
N TYR A 441 -13.24 -20.57 27.34
CA TYR A 441 -14.33 -20.81 26.39
C TYR A 441 -14.79 -19.49 25.81
N TYR A 442 -14.98 -19.46 24.51
CA TYR A 442 -15.36 -18.24 23.82
C TYR A 442 -16.48 -18.52 22.82
N LEU A 443 -17.19 -17.43 22.49
CA LEU A 443 -18.25 -17.45 21.49
C LEU A 443 -18.14 -16.15 20.71
N CYS A 444 -17.92 -16.26 19.41
CA CYS A 444 -17.81 -15.11 18.52
C CYS A 444 -19.12 -14.98 17.77
N ALA A 445 -19.75 -13.82 17.89
CA ALA A 445 -21.11 -13.63 17.39
C ALA A 445 -21.25 -12.20 16.92
N PRO A 446 -22.23 -11.92 16.07
CA PRO A 446 -22.38 -10.54 15.60
C PRO A 446 -22.66 -9.56 16.74
N ASN A 447 -23.42 -9.96 17.75
CA ASN A 447 -23.73 -9.07 18.86
C ASN A 447 -24.06 -9.89 20.10
N ARG A 448 -24.35 -9.18 21.19
CA ARG A 448 -24.61 -9.79 22.49
C ARG A 448 -25.94 -10.53 22.53
N HIS A 449 -26.98 -9.98 21.88
CA HIS A 449 -28.29 -10.63 21.90
C HIS A 449 -28.22 -12.02 21.31
N LEU A 450 -27.56 -12.16 20.16
CA LEU A 450 -27.43 -13.47 19.52
C LEU A 450 -26.53 -14.40 20.33
N ALA A 451 -25.54 -13.84 21.02
CA ALA A 451 -24.66 -14.66 21.86
C ALA A 451 -25.40 -15.24 23.06
N GLU A 452 -26.16 -14.38 23.77
CA GLU A 452 -26.86 -14.83 24.97
C GLU A 452 -27.92 -15.89 24.65
N HIS A 453 -28.51 -15.83 23.47
CA HIS A 453 -29.52 -16.79 23.07
C HIS A 453 -28.94 -17.89 22.20
N SER A 454 -27.63 -17.95 22.11
CA SER A 454 -26.98 -19.09 21.48
C SER A 454 -27.42 -20.37 22.18
N PRO A 455 -27.87 -21.38 21.45
CA PRO A 455 -28.06 -22.69 22.10
C PRO A 455 -26.76 -23.03 22.80
N TYR A 456 -25.64 -23.03 22.05
CA TYR A 456 -24.32 -23.30 22.63
C TYR A 456 -23.97 -22.56 23.91
N PHE A 457 -24.51 -21.36 24.11
CA PHE A 457 -24.20 -20.62 25.33
C PHE A 457 -25.29 -21.33 26.23
N GLU A 458 -24.97 -22.56 26.64
CA GLU A 458 -25.77 -23.38 27.55
C GLU A 458 -24.74 -23.73 28.62
N ALA A 459 -23.86 -22.80 29.00
CA ALA A 459 -22.78 -23.07 29.96
C ALA A 459 -23.24 -22.73 31.38
N MET A 460 -23.64 -23.76 32.11
CA MET A 460 -24.10 -23.60 33.47
C MET A 460 -23.30 -24.33 34.58
N GLU A 466 -17.61 -18.87 32.82
CA GLU A 466 -17.50 -17.61 32.09
C GLU A 466 -17.22 -17.87 30.60
N VAL A 467 -17.84 -17.09 29.73
CA VAL A 467 -17.69 -17.21 28.29
C VAL A 467 -17.23 -15.87 27.74
N LEU A 468 -16.09 -15.86 27.05
CA LEU A 468 -15.70 -14.66 26.30
C LEU A 468 -16.70 -14.42 25.19
N PHE A 469 -17.14 -13.17 25.05
CA PHE A 469 -18.01 -12.75 23.95
C PHE A 469 -17.16 -11.92 23.00
N CYS A 470 -16.99 -12.39 21.77
CA CYS A 470 -16.15 -11.68 20.81
CA CYS A 470 -16.13 -11.72 20.79
C CYS A 470 -17.00 -11.21 19.65
N PHE A 471 -17.35 -9.93 19.68
CA PHE A 471 -18.21 -9.28 18.70
C PHE A 471 -17.44 -8.66 17.54
N GLU A 472 -16.12 -8.54 17.63
CA GLU A 472 -15.37 -7.80 16.63
C GLU A 472 -15.01 -8.65 15.42
N GLN A 473 -14.95 -7.98 14.27
CA GLN A 473 -14.67 -8.62 13.00
C GLN A 473 -13.33 -9.37 13.05
N PHE A 474 -13.32 -10.58 12.47
CA PHE A 474 -12.17 -11.47 12.44
C PHE A 474 -11.77 -11.98 13.82
N ASP A 475 -12.61 -11.79 14.84
CA ASP A 475 -12.28 -12.30 16.17
C ASP A 475 -12.06 -13.81 16.15
N GLU A 476 -12.95 -14.55 15.50
CA GLU A 476 -12.85 -16.00 15.63
C GLU A 476 -11.64 -16.55 14.89
N LEU A 477 -11.31 -15.98 13.73
CA LEU A 477 -10.09 -16.39 13.06
C LEU A 477 -8.88 -16.11 13.94
N THR A 478 -8.90 -14.98 14.64
CA THR A 478 -7.82 -14.65 15.58
C THR A 478 -7.71 -15.69 16.69
N LEU A 479 -8.82 -15.98 17.36
CA LEU A 479 -8.80 -16.92 18.48
C LEU A 479 -8.43 -18.33 18.03
N LEU A 480 -8.87 -18.74 16.84
CA LEU A 480 -8.47 -20.05 16.34
C LEU A 480 -6.99 -20.10 16.02
N HIS A 481 -6.43 -19.02 15.45
CA HIS A 481 -5.01 -19.02 15.17
C HIS A 481 -4.18 -18.95 16.45
N LEU A 482 -4.75 -18.40 17.52
CA LEU A 482 -4.00 -18.29 18.77
C LEU A 482 -3.93 -19.62 19.52
N ARG A 483 -4.97 -20.45 19.42
CA ARG A 483 -4.96 -21.81 19.96
C ARG A 483 -4.97 -21.86 21.48
N GLU A 484 -3.89 -21.38 22.11
CA GLU A 484 -3.81 -21.41 23.56
C GLU A 484 -3.21 -20.11 24.06
N PHE A 485 -3.53 -19.78 25.30
CA PHE A 485 -2.97 -18.63 26.00
C PHE A 485 -2.64 -19.11 27.40
N ASP A 486 -1.37 -18.97 27.80
CA ASP A 486 -0.94 -19.35 29.13
C ASP A 486 -1.36 -20.79 29.41
N ARG A 487 -1.19 -21.63 28.38
CA ARG A 487 -1.37 -23.08 28.44
C ARG A 487 -2.79 -23.55 28.53
N LYS A 488 -3.77 -22.68 28.43
CA LYS A 488 -5.15 -23.14 28.45
C LYS A 488 -5.72 -23.02 27.06
N LYS A 489 -6.46 -24.04 26.66
CA LYS A 489 -6.98 -24.13 25.31
C LYS A 489 -8.14 -23.17 25.14
N LEU A 490 -8.14 -22.44 24.01
CA LEU A 490 -9.26 -21.55 23.64
C LEU A 490 -10.24 -22.43 22.88
N ILE A 491 -11.45 -22.55 23.40
CA ILE A 491 -12.41 -23.52 22.89
C ILE A 491 -13.67 -22.76 22.49
N SER A 492 -14.17 -23.03 21.29
CA SER A 492 -15.45 -22.45 20.91
C SER A 492 -16.59 -23.31 21.46
N ALA A 493 -17.67 -22.65 21.84
CA ALA A 493 -18.86 -23.40 22.27
C ALA A 493 -19.42 -24.22 21.12
N GLU A 494 -19.40 -23.67 19.91
CA GLU A 494 -19.88 -24.33 18.70
C GLU A 494 -18.98 -25.50 18.28
N LEU A 517 -51.41 -16.88 26.61
CA LEU A 517 -52.76 -17.40 26.58
C LEU A 517 -52.94 -18.33 25.39
N SER A 518 -53.61 -19.46 25.64
CA SER A 518 -53.31 -20.65 24.88
C SER A 518 -54.40 -21.67 25.15
N SER A 519 -54.25 -22.94 24.75
CA SER A 519 -53.29 -23.45 23.76
C SER A 519 -54.40 -23.69 22.75
N GLU A 520 -55.30 -22.71 22.57
CA GLU A 520 -56.40 -22.89 21.61
C GLU A 520 -55.79 -23.00 20.23
N GLN A 521 -55.23 -21.91 19.75
CA GLN A 521 -54.39 -21.87 18.59
C GLN A 521 -53.11 -21.17 18.97
N ALA A 522 -52.42 -21.86 19.88
CA ALA A 522 -50.97 -21.88 19.85
C ALA A 522 -50.48 -22.63 18.63
N GLU A 523 -51.04 -23.82 18.35
CA GLU A 523 -50.54 -24.49 17.17
C GLU A 523 -51.33 -24.28 15.89
N ASP A 524 -52.56 -23.72 15.91
CA ASP A 524 -53.04 -23.24 14.60
C ASP A 524 -52.55 -21.83 14.30
N LEU A 525 -52.64 -20.88 15.25
CA LEU A 525 -51.96 -19.60 15.07
C LEU A 525 -50.56 -19.84 14.52
N LEU A 526 -49.78 -20.61 15.28
CA LEU A 526 -48.40 -20.88 14.90
C LEU A 526 -48.33 -21.60 13.57
N ALA A 527 -49.22 -22.58 13.31
CA ALA A 527 -49.22 -23.25 12.01
C ALA A 527 -49.43 -22.25 10.87
N TRP A 528 -50.40 -21.36 11.05
CA TRP A 528 -50.63 -20.29 10.09
C TRP A 528 -49.36 -19.49 9.86
N MET A 529 -48.67 -19.13 10.95
CA MET A 529 -47.42 -18.39 10.80
C MET A 529 -46.36 -19.23 10.10
N ARG A 530 -46.35 -20.55 10.33
CA ARG A 530 -45.35 -21.38 9.67
C ARG A 530 -45.54 -21.37 8.17
N ASN A 531 -46.78 -21.40 7.71
CA ASN A 531 -46.99 -21.37 6.25
C ASN A 531 -46.97 -19.97 5.68
N ALA A 532 -47.08 -18.93 6.51
CA ALA A 532 -47.11 -17.58 5.98
C ALA A 532 -45.74 -16.92 5.89
N LEU A 533 -44.69 -17.50 6.50
CA LEU A 533 -43.34 -16.97 6.38
C LEU A 533 -42.34 -18.05 5.98
N VAL A 534 -42.54 -18.72 4.84
CA VAL A 534 -41.66 -19.83 4.47
C VAL A 534 -40.56 -19.36 3.52
N ARG A 536 -38.45 -18.16 5.23
CA ARG A 536 -37.66 -17.07 5.78
C ARG A 536 -37.24 -17.43 7.17
N VAL A 537 -37.98 -18.34 7.78
CA VAL A 537 -37.54 -18.76 9.09
C VAL A 537 -37.69 -20.28 9.02
N THR A 538 -36.94 -21.04 9.83
CA THR A 538 -37.19 -22.47 9.72
C THR A 538 -38.12 -23.07 10.80
N ASN A 539 -38.26 -22.48 12.00
CA ASN A 539 -39.16 -23.03 12.98
C ASN A 539 -39.87 -21.81 13.44
N ILE A 540 -41.01 -22.01 14.07
CA ILE A 540 -41.53 -21.00 14.97
C ILE A 540 -41.95 -21.70 16.26
N LYS A 541 -41.45 -21.24 17.40
CA LYS A 541 -41.80 -21.84 18.69
C LYS A 541 -42.37 -20.79 19.62
N VAL A 542 -43.03 -21.26 20.69
CA VAL A 542 -43.51 -20.38 21.76
C VAL A 542 -42.53 -20.42 22.92
N THR A 543 -42.17 -19.25 23.46
CA THR A 543 -41.42 -19.24 24.71
C THR A 543 -42.13 -18.35 25.73
N ASP A 547 -41.18 -11.35 27.10
CA ASP A 547 -41.98 -10.55 28.02
C ASP A 547 -42.55 -9.32 27.32
N THR A 548 -41.75 -8.24 27.22
CA THR A 548 -42.26 -7.01 26.65
C THR A 548 -42.37 -7.11 25.13
N HIS A 549 -41.54 -7.93 24.52
CA HIS A 549 -41.49 -8.13 23.07
C HIS A 549 -42.42 -9.27 22.66
N PRO A 550 -43.08 -9.13 21.51
CA PRO A 550 -43.97 -10.20 21.05
C PRO A 550 -43.21 -11.38 20.49
N ALA A 551 -42.01 -11.14 19.98
CA ALA A 551 -41.21 -12.21 19.38
C ALA A 551 -39.74 -11.82 19.39
N MET A 552 -38.90 -12.81 19.12
CA MET A 552 -37.47 -12.60 18.93
C MET A 552 -36.96 -13.60 17.90
N ILE A 553 -35.91 -13.21 17.20
CA ILE A 553 -35.23 -14.09 16.27
C ILE A 553 -33.99 -14.65 16.97
N THR A 554 -33.82 -15.96 16.86
CA THR A 554 -32.73 -16.71 17.46
C THR A 554 -32.02 -17.43 16.33
N VAL A 555 -30.70 -17.59 16.44
CA VAL A 555 -29.96 -18.30 15.41
C VAL A 555 -29.07 -19.34 16.08
N LEU A 556 -29.13 -20.57 15.56
CA LEU A 556 -28.27 -21.65 16.03
C LEU A 556 -26.77 -21.38 16.00
N GLU A 557 -26.16 -21.21 14.85
CA GLU A 557 -24.72 -21.02 14.86
C GLU A 557 -24.40 -19.61 14.37
N MET A 558 -23.45 -18.99 15.05
CA MET A 558 -23.12 -17.59 14.78
C MET A 558 -22.53 -17.42 13.38
N GLY A 559 -21.79 -18.41 12.91
CA GLY A 559 -21.21 -18.33 11.58
C GLY A 559 -22.24 -18.03 10.51
N ALA A 560 -23.42 -18.64 10.62
CA ALA A 560 -24.49 -18.38 9.65
C ALA A 560 -24.93 -16.92 9.70
N ALA A 561 -25.01 -16.34 10.89
CA ALA A 561 -25.39 -14.93 11.00
C ALA A 561 -24.30 -14.03 10.43
N ARG A 562 -23.04 -14.34 10.72
CA ARG A 562 -21.91 -13.66 10.10
C ARG A 562 -22.05 -13.65 8.59
N HIS A 563 -22.25 -14.83 8.01
CA HIS A 563 -22.40 -14.95 6.56
C HIS A 563 -23.58 -14.13 6.06
N PHE A 564 -24.71 -14.19 6.77
CA PHE A 564 -25.89 -13.43 6.38
C PHE A 564 -25.59 -11.94 6.34
N LEU A 565 -24.81 -11.45 7.31
CA LEU A 565 -24.48 -10.04 7.38
C LEU A 565 -23.59 -9.58 6.23
N ARG A 566 -22.95 -10.53 5.53
CA ARG A 566 -22.11 -10.20 4.39
C ARG A 566 -22.93 -10.11 3.11
N GLN A 582 -29.95 -20.05 9.57
CA GLN A 582 -31.21 -20.20 8.88
C GLN A 582 -31.91 -19.95 10.25
N PRO A 583 -32.73 -18.89 10.39
CA PRO A 583 -33.13 -18.45 11.73
C PRO A 583 -34.43 -19.05 12.27
N THR A 584 -34.52 -19.03 13.61
CA THR A 584 -35.67 -19.51 14.37
C THR A 584 -36.48 -18.34 14.90
N LEU A 585 -37.80 -18.36 14.71
CA LEU A 585 -38.65 -17.31 15.28
C LEU A 585 -39.34 -17.81 16.54
N GLU A 586 -39.25 -17.04 17.63
CA GLU A 586 -39.83 -17.42 18.91
C GLU A 586 -40.85 -16.36 19.34
N ILE A 587 -42.06 -16.81 19.65
CA ILE A 587 -43.22 -15.95 19.89
C ILE A 587 -43.62 -16.01 21.36
N ASN A 588 -44.16 -14.89 21.85
CA ASN A 588 -44.62 -14.73 23.22
C ASN A 588 -46.14 -14.76 23.22
N THR A 589 -46.72 -15.92 23.54
CA THR A 589 -48.18 -16.04 23.50
C THR A 589 -48.88 -15.28 24.62
N GLY A 590 -48.18 -14.53 25.46
CA GLY A 590 -48.87 -13.79 26.49
C GLY A 590 -49.06 -12.30 26.26
N HIS A 591 -48.44 -11.72 25.24
CA HIS A 591 -48.51 -10.28 24.99
C HIS A 591 -49.47 -9.95 23.86
N ASP A 592 -50.04 -8.75 23.95
CA ASP A 592 -51.22 -8.34 23.18
C ASP A 592 -51.09 -8.46 21.66
N LEU A 593 -49.95 -8.07 21.09
CA LEU A 593 -49.92 -8.07 19.63
C LEU A 593 -49.95 -9.47 19.05
N ILE A 594 -49.53 -10.49 19.80
CA ILE A 594 -49.64 -11.86 19.32
C ILE A 594 -51.05 -12.40 19.51
N LYS A 595 -51.69 -12.12 20.64
CA LYS A 595 -53.08 -12.54 20.79
C LYS A 595 -53.95 -11.91 19.72
N LYS A 596 -53.59 -10.70 19.29
CA LYS A 596 -54.40 -10.07 18.28
C LYS A 596 -53.94 -10.43 16.86
N LEU A 597 -52.70 -10.90 16.65
CA LEU A 597 -52.36 -11.56 15.39
C LEU A 597 -53.21 -12.82 15.24
N HIS A 598 -53.28 -13.61 16.30
CA HIS A 598 -54.19 -14.75 16.33
C HIS A 598 -55.63 -14.34 16.08
N ALA A 599 -56.08 -13.25 16.70
CA ALA A 599 -57.49 -12.82 16.58
C ALA A 599 -57.82 -12.22 15.22
N LEU A 600 -56.83 -11.77 14.46
CA LEU A 600 -57.07 -11.21 13.14
C LEU A 600 -56.44 -12.14 12.11
N LYS A 601 -56.40 -13.43 12.38
CA LYS A 601 -56.03 -14.41 11.34
C LYS A 601 -57.35 -14.65 10.61
N ASP A 602 -58.47 -14.71 11.37
CA ASP A 602 -59.79 -14.86 10.75
C ASP A 602 -60.41 -13.52 10.35
N SER A 603 -60.54 -12.59 11.31
CA SER A 603 -61.33 -11.38 11.11
C SER A 603 -60.88 -10.58 9.89
N ASN A 604 -59.56 -10.37 9.73
CA ASN A 604 -59.06 -9.48 8.70
C ASN A 604 -57.70 -9.98 8.17
N PRO A 605 -57.73 -10.83 7.14
CA PRO A 605 -56.46 -11.45 6.64
C PRO A 605 -55.37 -10.48 6.17
N GLU A 606 -55.70 -9.42 5.42
CA GLU A 606 -54.71 -8.40 5.06
C GLU A 606 -54.01 -7.81 6.26
N LEU A 607 -54.78 -7.34 7.21
CA LEU A 607 -54.17 -6.74 8.38
C LEU A 607 -53.30 -7.75 9.13
N ALA A 608 -53.76 -9.00 9.20
CA ALA A 608 -52.96 -10.03 9.87
C ALA A 608 -51.66 -10.29 9.13
N GLN A 609 -51.68 -10.25 7.79
CA GLN A 609 -50.43 -10.45 7.05
C GLN A 609 -49.46 -9.29 7.27
N LEU A 610 -49.98 -8.06 7.20
CA LEU A 610 -49.15 -6.89 7.47
C LEU A 610 -48.54 -6.95 8.87
N LEU A 611 -49.36 -7.28 9.87
CA LEU A 611 -48.89 -7.36 11.25
C LEU A 611 -47.86 -8.48 11.41
N LEU A 612 -48.09 -9.62 10.75
CA LEU A 612 -47.13 -10.71 10.78
C LEU A 612 -45.77 -10.28 10.27
N GLU A 613 -45.75 -9.67 9.08
CA GLU A 613 -44.48 -9.23 8.51
C GLU A 613 -43.83 -8.18 9.40
N GLN A 614 -44.63 -7.33 10.05
CA GLN A 614 -44.05 -6.31 10.94
C GLN A 614 -43.43 -6.94 12.18
N ILE A 615 -44.09 -7.94 12.77
CA ILE A 615 -43.54 -8.58 13.95
C ILE A 615 -42.23 -9.29 13.59
N TYR A 616 -42.22 -9.99 12.46
CA TYR A 616 -40.99 -10.63 12.00
C TYR A 616 -39.87 -9.61 11.82
N ASP A 617 -40.15 -8.51 11.10
CA ASP A 617 -39.14 -7.50 10.86
C ASP A 617 -38.64 -6.87 12.15
N ASN A 618 -39.54 -6.60 13.10
CA ASN A 618 -39.13 -6.04 14.39
C ASN A 618 -38.22 -7.00 15.13
N ALA A 619 -38.52 -8.30 15.09
CA ALA A 619 -37.64 -9.27 15.74
C ALA A 619 -36.28 -9.32 15.05
N MET A 620 -36.27 -9.19 13.72
CA MET A 620 -35.00 -9.18 13.00
C MET A 620 -34.16 -7.97 13.38
N ILE A 621 -34.80 -6.80 13.49
CA ILE A 621 -34.10 -5.57 13.87
C ILE A 621 -33.57 -5.70 15.29
N ALA A 622 -34.43 -6.08 16.24
CA ALA A 622 -34.02 -6.18 17.63
C ALA A 622 -32.91 -7.20 17.82
N ALA A 623 -32.83 -8.21 16.94
CA ALA A 623 -31.74 -9.18 17.02
C ALA A 623 -30.48 -8.66 16.36
N GLY A 624 -30.56 -7.47 15.79
CA GLY A 624 -29.42 -6.95 15.08
C GLY A 624 -29.11 -7.62 13.76
N LEU A 625 -30.09 -8.22 13.06
CA LEU A 625 -29.74 -8.71 11.73
C LEU A 625 -30.49 -7.95 10.65
N ASN A 626 -31.01 -6.77 10.96
CA ASN A 626 -31.60 -5.92 9.93
C ASN A 626 -31.29 -4.49 10.35
N GLU A 627 -30.18 -3.95 9.81
CA GLU A 627 -29.74 -2.64 10.26
C GLU A 627 -30.22 -1.53 9.34
N ASP A 628 -30.67 -1.86 8.14
CA ASP A 628 -31.31 -0.91 7.23
C ASP A 628 -32.77 -1.31 7.02
N PRO A 629 -33.68 -0.84 7.88
CA PRO A 629 -35.10 -1.22 7.76
C PRO A 629 -35.84 -0.51 6.63
N ARG A 630 -35.11 0.12 5.71
CA ARG A 630 -35.78 0.88 4.66
C ARG A 630 -36.77 0.06 3.86
N PRO A 631 -36.47 -1.18 3.45
CA PRO A 631 -37.45 -1.94 2.66
C PRO A 631 -38.81 -2.09 3.33
N MET A 632 -38.88 -1.98 4.66
CA MET A 632 -40.16 -2.19 5.33
C MET A 632 -41.06 -0.95 5.35
N ILE A 633 -40.49 0.25 5.19
CA ILE A 633 -41.20 1.46 5.63
C ILE A 633 -42.57 1.59 4.97
N SER A 634 -42.63 1.44 3.65
CA SER A 634 -43.92 1.61 2.97
C SER A 634 -44.95 0.65 3.53
N ARG A 635 -44.58 -0.63 3.65
CA ARG A 635 -45.49 -1.61 4.22
C ARG A 635 -45.94 -1.17 5.60
N LEU A 636 -45.00 -0.71 6.43
CA LEU A 636 -45.35 -0.26 7.77
C LEU A 636 -46.41 0.83 7.68
N ASN A 637 -46.22 1.80 6.79
CA ASN A 637 -47.20 2.89 6.67
C ASN A 637 -48.60 2.36 6.34
N GLN A 638 -48.68 1.46 5.38
CA GLN A 638 -49.88 0.72 5.03
C GLN A 638 -50.48 -0.01 6.24
N LEU A 639 -49.65 -0.73 7.00
CA LEU A 639 -50.14 -1.27 8.26
C LEU A 639 -50.73 -0.17 9.15
N LEU A 640 -49.97 0.90 9.38
CA LEU A 640 -50.45 1.97 10.23
C LEU A 640 -51.76 2.55 9.69
N THR A 641 -51.80 2.86 8.40
CA THR A 641 -52.99 3.53 7.86
C THR A 641 -54.22 2.66 8.02
N ARG A 642 -54.05 1.35 7.91
CA ARG A 642 -55.21 0.48 8.00
C ARG A 642 -55.47 0.01 9.43
N ALA A 643 -54.53 0.26 10.34
CA ALA A 643 -54.80 -0.04 11.75
C ALA A 643 -55.53 1.10 12.44
N LEU A 644 -55.29 2.33 12.01
CA LEU A 644 -55.94 3.52 12.54
C LEU A 644 -57.22 3.89 11.80
N GLU A 645 -57.65 3.09 10.83
CA GLU A 645 -58.86 3.36 10.05
C GLU A 645 -60.11 3.24 10.94
N LYS A 646 -60.03 2.48 12.02
CA LYS A 646 -61.11 2.34 13.00
C LYS A 646 -61.09 3.41 14.09
N HIS A 647 -60.40 4.52 13.86
CA HIS A 647 -60.29 5.57 14.87
C HIS A 647 -60.90 6.89 14.38
N THR B 13 16.80 40.22 5.13
CA THR B 13 18.23 39.99 5.33
C THR B 13 18.64 38.58 4.90
N LEU B 14 19.55 38.54 3.93
CA LEU B 14 20.12 37.31 3.41
C LEU B 14 21.54 37.10 3.90
N HIS B 15 21.91 35.83 4.08
CA HIS B 15 23.26 35.45 4.52
C HIS B 15 23.79 34.48 3.47
N ASN B 16 24.66 34.98 2.59
CA ASN B 16 25.25 34.17 1.53
C ASN B 16 26.74 34.43 1.48
N ILE B 17 27.51 33.34 1.46
CA ILE B 17 28.97 33.41 1.45
C ILE B 17 29.55 33.03 0.10
N ILE B 18 28.71 32.63 -0.84
CA ILE B 18 29.15 32.18 -2.15
C ILE B 18 29.29 33.40 -3.05
N THR B 19 30.51 33.66 -3.53
CA THR B 19 30.78 34.77 -4.42
C THR B 19 31.76 34.32 -5.49
N ASP B 20 31.63 34.90 -6.69
CA ASP B 20 32.56 34.60 -7.77
C ASP B 20 33.86 35.33 -7.50
N THR B 21 34.74 34.67 -6.73
CA THR B 21 35.98 35.29 -6.26
C THR B 21 37.25 34.52 -6.63
N GLU B 22 37.16 33.26 -7.07
CA GLU B 22 38.32 32.37 -7.20
C GLU B 22 38.94 32.45 -8.59
N ASN B 23 40.28 32.39 -8.69
CA ASN B 23 40.94 32.41 -10.00
C ASN B 23 42.22 31.69 -9.95
N VAL B 24 42.52 31.05 -11.05
CA VAL B 24 43.67 30.17 -11.19
C VAL B 24 44.93 30.99 -11.35
N GLN B 25 46.03 30.49 -10.78
CA GLN B 25 47.34 31.09 -10.89
C GLN B 25 48.20 30.06 -11.59
N GLY B 26 49.15 30.48 -12.44
CA GLY B 26 50.04 29.39 -12.80
C GLY B 26 49.41 28.32 -13.68
N SER B 27 50.07 27.19 -13.64
CA SER B 27 49.75 26.10 -14.52
C SER B 27 49.09 24.96 -13.75
N PHE B 28 48.51 24.06 -14.55
CA PHE B 28 47.69 22.97 -14.06
C PHE B 28 48.43 21.66 -14.28
N SER B 29 48.23 20.70 -13.39
CA SER B 29 48.65 19.34 -13.65
C SER B 29 47.45 18.52 -14.12
N LYS B 30 47.73 17.48 -14.90
CA LYS B 30 46.70 16.59 -15.40
C LYS B 30 46.83 15.22 -14.75
N HIS B 31 45.68 14.60 -14.50
CA HIS B 31 45.64 13.36 -13.73
C HIS B 31 44.56 12.44 -14.27
N GLU B 32 44.82 11.14 -14.22
CA GLU B 32 43.82 10.14 -14.53
C GLU B 32 43.14 9.65 -13.26
N PHE B 33 41.82 9.43 -13.35
CA PHE B 33 41.11 8.83 -12.23
C PHE B 33 41.63 7.43 -11.96
N GLN B 34 41.67 7.06 -10.69
CA GLN B 34 42.12 5.75 -10.25
C GLN B 34 40.99 5.03 -9.51
N ALA B 35 41.26 3.79 -9.11
CA ALA B 35 40.29 2.98 -8.39
C ALA B 35 41.01 2.11 -7.37
N GLU B 36 40.53 2.15 -6.12
CA GLU B 36 41.03 1.23 -5.10
C GLU B 36 40.35 -0.12 -5.33
N THR B 37 41.10 -1.06 -5.91
CA THR B 37 40.48 -2.31 -6.36
C THR B 37 40.03 -3.17 -5.17
N LYS B 38 40.86 -3.28 -4.13
CA LYS B 38 40.50 -4.10 -2.97
C LYS B 38 39.18 -3.67 -2.35
N LYS B 39 38.99 -2.36 -2.11
CA LYS B 39 37.72 -1.93 -1.56
C LYS B 39 36.58 -2.12 -2.55
N LEU B 40 36.85 -1.96 -3.85
CA LEU B 40 35.81 -2.22 -4.84
C LEU B 40 35.33 -3.67 -4.78
N LEU B 41 36.28 -4.61 -4.66
CA LEU B 41 35.91 -6.01 -4.50
C LEU B 41 35.07 -6.21 -3.25
N ASP B 42 35.48 -5.57 -2.14
CA ASP B 42 34.70 -5.67 -0.91
C ASP B 42 33.30 -5.14 -1.11
N ILE B 43 33.17 -4.03 -1.84
CA ILE B 43 31.87 -3.40 -2.07
C ILE B 43 30.96 -4.33 -2.88
N VAL B 44 31.49 -4.88 -3.97
CA VAL B 44 30.70 -5.84 -4.76
C VAL B 44 30.30 -7.02 -3.89
N ALA B 45 31.19 -7.46 -2.99
CA ALA B 45 30.93 -8.65 -2.20
C ALA B 45 29.93 -8.43 -1.07
N ARG B 46 29.84 -7.21 -0.53
CA ARG B 46 29.01 -7.02 0.66
C ARG B 46 28.01 -5.87 0.60
N SER B 47 28.13 -4.95 -0.36
CA SER B 47 27.33 -3.74 -0.32
C SER B 47 26.58 -3.46 -1.61
N LEU B 48 26.75 -4.29 -2.63
CA LEU B 48 26.13 -3.98 -3.92
C LEU B 48 24.74 -4.59 -4.06
N TYR B 49 24.61 -5.89 -3.84
CA TYR B 49 23.33 -6.54 -3.98
C TYR B 49 22.69 -6.69 -2.61
N SER B 50 21.40 -6.38 -2.53
CA SER B 50 20.71 -6.44 -1.24
C SER B 50 20.39 -7.87 -0.83
N GLU B 51 20.51 -8.85 -1.73
CA GLU B 51 20.20 -10.23 -1.44
C GLU B 51 21.25 -11.14 -2.07
N LYS B 52 21.74 -12.10 -1.31
CA LYS B 52 22.83 -12.97 -1.75
C LYS B 52 22.41 -13.88 -2.92
N GLU B 53 21.16 -14.37 -2.88
CA GLU B 53 20.71 -15.35 -3.86
C GLU B 53 20.94 -14.91 -5.31
N VAL B 54 20.98 -13.60 -5.55
CA VAL B 54 21.08 -13.12 -6.92
C VAL B 54 22.37 -13.57 -7.61
N PHE B 55 23.35 -14.09 -6.87
CA PHE B 55 24.54 -14.59 -7.58
C PHE B 55 24.14 -15.66 -8.59
N ILE B 56 23.17 -16.50 -8.25
CA ILE B 56 22.69 -17.50 -9.21
C ILE B 56 22.22 -16.81 -10.48
N ARG B 57 21.34 -15.81 -10.33
CA ARG B 57 20.88 -15.05 -11.48
C ARG B 57 22.05 -14.57 -12.30
N GLU B 58 23.02 -13.93 -11.64
CA GLU B 58 24.14 -13.35 -12.39
C GLU B 58 24.85 -14.43 -13.17
N LEU B 59 25.15 -15.56 -12.50
CA LEU B 59 25.92 -16.58 -13.19
C LEU B 59 25.12 -17.15 -14.34
N ILE B 60 23.80 -17.32 -14.14
CA ILE B 60 23.01 -17.86 -15.24
C ILE B 60 23.00 -16.87 -16.39
N SER B 61 22.88 -15.58 -16.07
CA SER B 61 22.90 -14.57 -17.12
C SER B 61 24.20 -14.67 -17.91
N ASN B 62 25.32 -14.85 -17.20
CA ASN B 62 26.59 -14.96 -17.89
C ASN B 62 26.56 -16.14 -18.84
N GLY B 63 26.07 -17.29 -18.36
CA GLY B 63 25.99 -18.46 -19.21
C GLY B 63 25.13 -18.18 -20.42
N SER B 64 23.98 -17.52 -20.22
CA SER B 64 23.12 -17.23 -21.35
C SER B 64 23.86 -16.37 -22.37
N ASP B 65 24.56 -15.34 -21.89
CA ASP B 65 25.30 -14.50 -22.82
C ASP B 65 26.29 -15.34 -23.62
N ALA B 66 27.00 -16.24 -22.93
CA ALA B 66 27.96 -17.08 -23.63
C ALA B 66 27.27 -17.87 -24.71
N LEU B 67 26.13 -18.49 -24.37
CA LEU B 67 25.44 -19.31 -25.36
C LEU B 67 24.98 -18.45 -26.53
N GLU B 68 24.51 -17.23 -26.24
CA GLU B 68 24.08 -16.37 -27.32
C GLU B 68 25.24 -16.09 -28.25
N LYS B 69 26.42 -15.82 -27.69
CA LYS B 69 27.58 -15.56 -28.52
C LYS B 69 27.91 -16.78 -29.36
N LEU B 70 27.75 -17.99 -28.80
CA LEU B 70 27.95 -19.17 -29.62
C LEU B 70 26.87 -19.29 -30.67
N ARG B 71 25.60 -19.07 -30.28
CA ARG B 71 24.52 -19.25 -31.25
C ARG B 71 24.70 -18.32 -32.42
N HIS B 72 25.01 -17.05 -32.12
CA HIS B 72 25.30 -16.11 -33.19
C HIS B 72 26.48 -16.58 -34.02
N ARG B 73 27.57 -16.96 -33.35
CA ARG B 73 28.77 -17.26 -34.12
C ARG B 73 28.67 -18.56 -34.89
N MET B 74 27.90 -19.53 -34.42
CA MET B 74 27.79 -20.67 -35.31
C MET B 74 26.69 -20.52 -36.36
N ILE B 75 25.95 -19.41 -36.41
CA ILE B 75 25.06 -19.29 -37.57
C ILE B 75 25.90 -18.61 -38.67
N THR B 76 27.20 -18.81 -38.68
CA THR B 76 27.93 -18.41 -39.90
C THR B 76 28.77 -19.58 -40.40
N THR B 81 25.14 -26.46 -34.53
CA THR B 81 25.02 -27.91 -34.37
C THR B 81 25.22 -28.34 -32.91
N ALA B 82 26.17 -27.71 -32.23
CA ALA B 82 26.56 -28.11 -30.88
C ALA B 82 25.42 -27.90 -29.89
N PRO B 83 25.43 -28.62 -28.76
CA PRO B 83 24.37 -28.42 -27.77
C PRO B 83 24.58 -27.11 -27.02
N MET B 84 23.48 -26.50 -26.62
CA MET B 84 23.51 -25.19 -25.96
C MET B 84 22.65 -25.24 -24.71
N GLU B 85 23.28 -25.43 -23.55
CA GLU B 85 22.55 -25.70 -22.33
C GLU B 85 23.31 -25.12 -21.15
N ILE B 86 22.60 -24.95 -20.04
CA ILE B 86 23.17 -24.51 -18.77
C ILE B 86 22.88 -25.59 -17.74
N HIS B 87 23.92 -26.10 -17.07
CA HIS B 87 23.78 -27.13 -16.06
C HIS B 87 24.20 -26.60 -14.70
N LEU B 88 23.38 -26.84 -13.69
CA LEU B 88 23.63 -26.47 -12.30
C LEU B 88 23.70 -27.74 -11.48
N GLN B 89 24.65 -27.79 -10.56
CA GLN B 89 24.88 -28.96 -9.73
C GLN B 89 25.12 -28.52 -8.29
N THR B 90 24.43 -29.15 -7.37
CA THR B 90 24.58 -28.88 -5.95
C THR B 90 25.19 -30.10 -5.29
N ASP B 91 26.22 -29.91 -4.49
CA ASP B 91 26.81 -30.98 -3.69
C ASP B 91 26.73 -30.55 -2.24
N SER B 92 25.74 -31.10 -1.53
CA SER B 92 25.49 -30.73 -0.15
C SER B 92 26.53 -31.29 0.82
N VAL B 93 27.32 -32.28 0.42
CA VAL B 93 28.33 -32.80 1.33
C VAL B 93 29.65 -32.05 1.17
N LYS B 94 30.04 -31.66 -0.05
CA LYS B 94 31.20 -30.80 -0.21
C LYS B 94 30.85 -29.32 -0.10
N GLY B 95 29.57 -28.98 0.01
CA GLY B 95 29.16 -27.60 0.10
C GLY B 95 29.53 -26.83 -1.14
N THR B 96 29.25 -27.38 -2.32
CA THR B 96 29.66 -26.72 -3.56
C THR B 96 28.46 -26.46 -4.46
N PHE B 97 28.53 -25.34 -5.17
CA PHE B 97 27.58 -24.98 -6.22
C PHE B 97 28.34 -24.88 -7.53
N THR B 98 27.83 -25.54 -8.57
CA THR B 98 28.53 -25.59 -9.86
C THR B 98 27.60 -25.19 -10.98
N ILE B 99 28.06 -24.30 -11.87
CA ILE B 99 27.32 -23.99 -13.08
C ILE B 99 28.24 -24.14 -14.27
N GLN B 100 27.75 -24.79 -15.33
CA GLN B 100 28.50 -24.96 -16.56
C GLN B 100 27.62 -24.69 -17.78
N ASP B 101 28.12 -23.85 -18.69
CA ASP B 101 27.47 -23.60 -19.96
C ASP B 101 28.34 -24.12 -21.10
N THR B 102 27.68 -24.50 -22.19
CA THR B 102 28.35 -24.98 -23.40
C THR B 102 28.57 -23.87 -24.43
N GLY B 103 28.92 -22.66 -23.98
CA GLY B 103 29.04 -21.51 -24.85
C GLY B 103 30.43 -21.33 -25.42
N VAL B 104 30.74 -20.09 -25.81
CA VAL B 104 31.98 -19.79 -26.50
C VAL B 104 33.19 -19.91 -25.58
N GLY B 105 33.00 -19.89 -24.26
CA GLY B 105 34.16 -19.97 -23.38
C GLY B 105 35.03 -18.72 -23.45
N MET B 106 36.24 -18.86 -22.91
CA MET B 106 37.18 -17.76 -22.77
C MET B 106 38.59 -18.27 -22.99
N ASN B 107 39.38 -17.52 -23.76
CA ASN B 107 40.81 -17.81 -23.85
C ASN B 107 41.50 -17.17 -22.64
N LYS B 108 42.84 -17.17 -22.62
CA LYS B 108 43.53 -16.72 -21.42
C LYS B 108 43.47 -15.20 -21.28
N GLU B 109 43.54 -14.46 -22.39
CA GLU B 109 43.38 -13.02 -22.28
C GLU B 109 41.94 -12.67 -21.93
N ASP B 110 40.97 -13.47 -22.34
CA ASP B 110 39.60 -13.25 -21.89
C ASP B 110 39.48 -13.46 -20.39
N LEU B 111 40.09 -14.53 -19.87
CA LEU B 111 40.03 -14.80 -18.44
C LEU B 111 40.72 -13.69 -17.65
N VAL B 112 41.91 -13.28 -18.09
CA VAL B 112 42.69 -12.28 -17.37
C VAL B 112 42.02 -10.91 -17.47
N SER B 113 41.61 -10.53 -18.68
CA SER B 113 41.11 -9.18 -18.91
C SER B 113 39.65 -9.05 -18.51
N ASN B 114 38.79 -9.96 -18.96
CA ASN B 114 37.37 -9.79 -18.69
C ASN B 114 37.02 -10.18 -17.27
N LEU B 115 37.38 -11.40 -16.84
CA LEU B 115 37.13 -11.78 -15.46
C LEU B 115 38.01 -11.00 -14.49
N GLY B 116 39.24 -10.66 -14.88
CA GLY B 116 40.16 -10.05 -13.95
C GLY B 116 39.96 -8.57 -13.71
N THR B 117 39.16 -7.90 -14.52
CA THR B 117 38.96 -6.45 -14.41
C THR B 117 37.50 -6.17 -14.05
N ILE B 118 37.31 -5.54 -12.89
CA ILE B 118 35.97 -5.12 -12.47
C ILE B 118 35.48 -4.02 -13.41
N ALA B 119 34.21 -4.12 -13.80
CA ALA B 119 33.52 -3.18 -14.67
C ALA B 119 34.02 -3.26 -16.10
N ARG B 120 34.84 -4.26 -16.42
CA ARG B 120 35.16 -4.58 -17.81
C ARG B 120 34.22 -5.69 -18.27
N SER B 121 33.44 -5.41 -19.31
CA SER B 121 32.48 -6.36 -19.87
C SER B 121 32.88 -6.68 -21.31
N GLY B 122 33.09 -7.96 -21.60
CA GLY B 122 33.33 -8.36 -22.98
C GLY B 122 32.08 -8.25 -23.85
N SER B 123 30.91 -8.30 -23.24
CA SER B 123 29.67 -8.22 -23.98
C SER B 123 29.50 -6.88 -24.67
N LYS B 124 30.09 -5.82 -24.12
CA LYS B 124 30.17 -4.55 -24.85
C LYS B 124 30.97 -4.71 -26.15
N ALA B 125 32.18 -5.34 -26.09
CA ALA B 125 32.98 -5.53 -27.30
C ALA B 125 32.23 -6.38 -28.34
N PHE B 126 31.42 -7.33 -27.86
CA PHE B 126 30.69 -8.21 -28.77
C PHE B 126 29.73 -7.44 -29.69
N LEU B 127 28.88 -6.59 -29.11
CA LEU B 127 27.86 -5.87 -29.88
C LEU B 127 28.51 -4.86 -30.85
N ASP B 128 27.97 -4.70 -32.06
CA ASP B 128 26.86 -5.45 -32.70
C ASP B 128 27.16 -6.91 -33.08
N SER B 137 20.66 -10.21 -30.98
CA SER B 137 21.25 -8.88 -30.84
C SER B 137 20.74 -8.18 -29.59
N SER B 138 19.48 -8.44 -29.25
CA SER B 138 18.82 -7.87 -28.08
C SER B 138 18.75 -8.87 -26.94
N SER B 139 19.39 -10.02 -27.09
CA SER B 139 19.33 -11.12 -26.13
C SER B 139 20.40 -11.07 -25.05
N ILE B 140 21.46 -10.27 -25.25
CA ILE B 140 22.53 -10.18 -24.27
C ILE B 140 22.04 -9.48 -23.01
N ILE B 141 22.29 -10.07 -21.85
CA ILE B 141 21.80 -9.53 -20.59
C ILE B 141 22.81 -8.61 -19.93
N GLY B 142 24.10 -8.91 -20.07
CA GLY B 142 25.13 -8.18 -19.34
C GLY B 142 25.46 -6.82 -19.97
N GLN B 143 25.70 -5.84 -19.09
CA GLN B 143 26.12 -4.49 -19.48
C GLN B 143 27.14 -3.87 -18.53
N PHE B 144 27.14 -4.23 -17.24
CA PHE B 144 27.92 -3.52 -16.23
C PHE B 144 29.34 -4.05 -16.07
N GLY B 145 29.54 -5.35 -16.24
CA GLY B 145 30.84 -5.95 -16.03
C GLY B 145 31.20 -6.24 -14.59
N VAL B 146 30.19 -6.50 -13.73
CA VAL B 146 30.46 -6.84 -12.34
C VAL B 146 29.74 -8.10 -11.87
N GLY B 147 28.75 -8.60 -12.61
CA GLY B 147 27.92 -9.69 -12.09
C GLY B 147 28.71 -10.89 -11.58
N PHE B 148 29.78 -11.26 -12.27
CA PHE B 148 30.58 -12.42 -11.88
C PHE B 148 31.02 -12.34 -10.42
N TYR B 149 31.44 -11.16 -9.97
CA TYR B 149 31.96 -11.02 -8.62
C TYR B 149 30.88 -11.25 -7.57
N SER B 150 29.61 -11.30 -7.98
CA SER B 150 28.55 -11.68 -7.06
C SER B 150 28.81 -13.04 -6.43
N ALA B 151 29.58 -13.90 -7.11
CA ALA B 151 29.92 -15.20 -6.54
C ALA B 151 30.64 -15.05 -5.21
N PHE B 152 31.41 -13.99 -5.03
CA PHE B 152 32.15 -13.85 -3.78
C PHE B 152 31.26 -13.44 -2.62
N MET B 153 29.99 -13.12 -2.86
CA MET B 153 29.06 -12.95 -1.76
C MET B 153 28.89 -14.24 -0.96
N VAL B 154 28.94 -15.38 -1.64
CA VAL B 154 28.55 -16.66 -1.05
C VAL B 154 29.67 -17.69 -1.05
N ALA B 155 30.83 -17.39 -1.63
CA ALA B 155 31.85 -18.40 -1.85
C ALA B 155 33.18 -17.98 -1.22
N ASP B 156 33.80 -18.92 -0.52
CA ASP B 156 35.18 -18.74 -0.07
C ASP B 156 36.16 -18.78 -1.24
N LYS B 157 35.96 -19.73 -2.15
CA LYS B 157 36.88 -19.97 -3.27
C LYS B 157 36.06 -20.16 -4.54
N VAL B 158 36.61 -19.65 -5.64
CA VAL B 158 35.95 -19.77 -6.95
C VAL B 158 36.96 -20.33 -7.94
N GLU B 159 36.54 -21.34 -8.71
CA GLU B 159 37.34 -21.88 -9.80
C GLU B 159 36.57 -21.85 -11.11
N VAL B 160 37.26 -21.46 -12.18
CA VAL B 160 36.67 -21.29 -13.50
C VAL B 160 37.49 -22.10 -14.50
N TYR B 161 36.90 -23.16 -15.06
CA TYR B 161 37.49 -23.88 -16.17
C TYR B 161 36.83 -23.43 -17.45
N SER B 162 37.64 -23.01 -18.42
CA SER B 162 37.05 -22.49 -19.64
C SER B 162 37.85 -22.95 -20.85
N GLN B 163 37.11 -23.35 -21.88
CA GLN B 163 37.71 -23.73 -23.16
C GLN B 163 37.02 -22.93 -24.23
N SER B 164 37.79 -22.03 -24.86
CA SER B 164 37.23 -21.23 -25.94
C SER B 164 37.02 -22.09 -27.17
N ALA B 165 36.03 -21.71 -27.97
CA ALA B 165 35.68 -22.49 -29.14
C ALA B 165 36.75 -22.43 -30.22
N GLU B 166 37.69 -21.49 -30.10
CA GLU B 166 37.91 -20.63 -31.25
C GLU B 166 39.31 -20.06 -31.28
N ALA B 167 40.20 -20.71 -32.02
CA ALA B 167 40.18 -22.13 -32.30
C ALA B 167 41.68 -22.33 -32.31
N ASP B 168 42.19 -23.54 -32.05
CA ASP B 168 43.60 -23.69 -31.72
C ASP B 168 43.90 -22.87 -30.47
N ALA B 169 43.24 -23.25 -29.36
CA ALA B 169 43.41 -22.53 -28.10
C ALA B 169 43.21 -23.52 -26.97
N PRO B 170 44.11 -23.57 -26.00
CA PRO B 170 44.03 -24.58 -24.95
C PRO B 170 42.98 -24.23 -23.92
N GLY B 171 42.71 -25.20 -23.04
CA GLY B 171 41.82 -24.94 -21.93
C GLY B 171 42.54 -24.29 -20.77
N TYR B 172 41.79 -23.62 -19.90
CA TYR B 172 42.42 -22.94 -18.78
C TYR B 172 41.65 -23.15 -17.49
N LYS B 173 42.38 -23.04 -16.38
CA LYS B 173 41.83 -22.96 -15.03
C LYS B 173 42.22 -21.62 -14.42
N TRP B 174 41.21 -20.86 -14.01
CA TRP B 174 41.29 -19.60 -13.29
C TRP B 174 40.82 -19.86 -11.86
N SER B 175 41.50 -19.28 -10.88
CA SER B 175 41.16 -19.61 -9.50
C SER B 175 41.39 -18.42 -8.59
N SER B 176 40.53 -18.23 -7.57
CA SER B 176 40.78 -17.10 -6.68
C SER B 176 40.03 -17.21 -5.35
N ASP B 177 40.42 -16.27 -4.47
CA ASP B 177 39.98 -16.09 -3.07
C ASP B 177 38.82 -15.14 -2.97
N GLY B 178 38.70 -14.23 -3.95
CA GLY B 178 38.20 -12.86 -3.70
C GLY B 178 39.21 -11.88 -3.19
N SER B 179 40.45 -12.29 -2.90
CA SER B 179 41.39 -11.40 -2.18
C SER B 179 42.50 -10.91 -3.11
N GLY B 180 42.14 -9.98 -3.99
CA GLY B 180 43.15 -9.16 -4.71
C GLY B 180 44.03 -9.87 -5.71
N VAL B 181 44.05 -11.21 -5.74
CA VAL B 181 44.85 -11.95 -6.72
C VAL B 181 44.07 -13.16 -7.20
N PHE B 182 44.43 -13.61 -8.40
CA PHE B 182 43.90 -14.85 -8.96
C PHE B 182 44.98 -15.50 -9.82
N GLU B 183 44.78 -16.79 -10.10
CA GLU B 183 45.74 -17.61 -10.83
C GLU B 183 45.14 -18.15 -12.13
N VAL B 184 46.00 -18.30 -13.13
CA VAL B 184 45.62 -18.85 -14.43
C VAL B 184 46.66 -19.87 -14.85
N ALA B 185 46.23 -21.09 -15.11
CA ALA B 185 47.10 -22.10 -15.69
C ALA B 185 46.38 -22.82 -16.84
N GLU B 186 47.16 -23.50 -17.66
CA GLU B 186 46.58 -24.31 -18.73
C GLU B 186 46.04 -25.62 -18.16
N ALA B 187 44.98 -26.12 -18.78
CA ALA B 187 44.26 -27.29 -18.29
C ALA B 187 43.85 -28.17 -19.46
N SER B 188 43.71 -29.46 -19.18
CA SER B 188 43.21 -30.43 -20.14
C SER B 188 41.87 -30.99 -19.67
N GLY B 189 41.17 -31.61 -20.61
CA GLY B 189 39.85 -32.17 -20.33
C GLY B 189 38.77 -31.15 -20.09
N VAL B 190 38.98 -29.90 -20.48
CA VAL B 190 37.98 -28.86 -20.29
C VAL B 190 37.05 -28.88 -21.50
N ARG B 191 35.76 -29.12 -21.24
CA ARG B 191 34.75 -29.05 -22.28
C ARG B 191 34.61 -27.62 -22.76
N GLN B 192 34.35 -27.47 -24.06
CA GLN B 192 34.15 -26.14 -24.61
C GLN B 192 33.03 -25.44 -23.87
N GLY B 193 33.27 -24.19 -23.50
CA GLY B 193 32.34 -23.48 -22.64
C GLY B 193 33.00 -23.23 -21.31
N THR B 194 32.20 -23.06 -20.26
CA THR B 194 32.73 -22.60 -18.98
C THR B 194 32.05 -23.30 -17.82
N LYS B 195 32.85 -23.78 -16.88
CA LYS B 195 32.39 -24.39 -15.64
C LYS B 195 32.94 -23.58 -14.47
N ILE B 196 32.06 -23.11 -13.61
CA ILE B 196 32.41 -22.34 -12.43
C ILE B 196 31.97 -23.13 -11.21
N VAL B 197 32.91 -23.38 -10.30
CA VAL B 197 32.66 -24.08 -9.06
C VAL B 197 32.87 -23.12 -7.90
N LEU B 198 31.84 -22.96 -7.08
CA LEU B 198 31.83 -22.13 -5.89
C LEU B 198 31.92 -23.02 -4.66
N HIS B 199 32.98 -22.83 -3.87
CA HIS B 199 33.10 -23.47 -2.57
C HIS B 199 32.40 -22.55 -1.58
N LEU B 200 31.19 -22.92 -1.19
CA LEU B 200 30.34 -22.03 -0.42
C LEU B 200 30.89 -21.81 0.99
N LYS B 201 30.76 -20.58 1.48
CA LYS B 201 31.10 -20.30 2.87
C LYS B 201 30.06 -20.94 3.79
N ASP B 202 30.44 -21.06 5.07
CA ASP B 202 29.68 -21.87 6.01
C ASP B 202 28.25 -21.35 6.24
N ASP B 203 28.04 -20.03 6.24
CA ASP B 203 26.68 -19.52 6.40
C ASP B 203 25.99 -19.24 5.07
N CYS B 204 26.42 -19.91 3.99
CA CYS B 204 25.80 -19.83 2.67
C CYS B 204 25.45 -21.21 2.14
N LYS B 205 25.58 -22.24 2.98
CA LYS B 205 25.35 -23.62 2.57
C LYS B 205 23.94 -23.88 2.06
N GLU B 206 23.00 -22.95 2.28
CA GLU B 206 21.68 -23.08 1.67
C GLU B 206 21.75 -23.19 0.15
N PHE B 207 22.77 -22.60 -0.47
CA PHE B 207 22.88 -22.70 -1.93
C PHE B 207 23.55 -24.00 -2.36
N SER B 208 23.74 -24.92 -1.42
CA SER B 208 24.10 -26.31 -1.71
C SER B 208 22.89 -27.24 -1.70
N SER B 209 21.69 -26.74 -1.43
CA SER B 209 20.47 -27.53 -1.44
C SER B 209 19.68 -27.27 -2.71
N GLU B 210 19.26 -28.37 -3.37
CA GLU B 210 18.63 -28.32 -4.68
C GLU B 210 17.35 -27.49 -4.69
N ASP B 211 16.50 -27.65 -3.68
CA ASP B 211 15.22 -26.95 -3.69
C ASP B 211 15.40 -25.43 -3.57
N ARG B 212 16.40 -25.01 -2.80
CA ARG B 212 16.72 -23.59 -2.68
C ARG B 212 17.19 -23.03 -4.02
N VAL B 213 18.13 -23.72 -4.66
CA VAL B 213 18.66 -23.28 -5.95
C VAL B 213 17.53 -23.18 -6.97
N LYS B 214 16.65 -24.19 -6.99
CA LYS B 214 15.53 -24.16 -7.94
C LYS B 214 14.61 -22.99 -7.65
N GLU B 215 14.40 -22.67 -6.36
CA GLU B 215 13.66 -21.46 -6.01
C GLU B 215 14.26 -20.25 -6.70
N VAL B 216 15.58 -20.09 -6.60
CA VAL B 216 16.20 -18.89 -7.16
C VAL B 216 16.08 -18.88 -8.68
N VAL B 217 16.32 -20.03 -9.33
CA VAL B 217 16.23 -20.08 -10.78
C VAL B 217 14.82 -19.72 -11.23
N THR B 218 13.82 -20.37 -10.64
CA THR B 218 12.43 -20.09 -10.95
C THR B 218 12.12 -18.63 -10.73
N LYS B 219 12.71 -18.03 -9.70
CA LYS B 219 12.42 -16.64 -9.36
C LYS B 219 12.95 -15.68 -10.43
N TYR B 220 14.23 -15.82 -10.80
CA TYR B 220 14.86 -14.81 -11.64
C TYR B 220 15.05 -15.24 -13.10
N SER B 221 15.16 -16.53 -13.38
CA SER B 221 15.66 -16.96 -14.68
C SER B 221 14.70 -17.93 -15.37
N ASN B 222 13.41 -17.83 -15.03
CA ASN B 222 12.42 -18.75 -15.55
C ASN B 222 12.14 -18.56 -17.04
N PHE B 223 12.63 -17.47 -17.64
CA PHE B 223 12.40 -17.18 -19.05
C PHE B 223 13.70 -17.14 -19.85
N VAL B 224 14.80 -17.63 -19.27
CA VAL B 224 16.05 -17.73 -20.00
C VAL B 224 15.87 -18.53 -21.28
N SER B 225 16.55 -18.11 -22.34
CA SER B 225 16.34 -18.64 -23.69
C SER B 225 16.97 -20.01 -23.91
N PHE B 226 17.63 -20.59 -22.92
CA PHE B 226 18.28 -21.88 -23.09
C PHE B 226 17.84 -22.84 -22.00
N PRO B 227 17.87 -24.14 -22.28
CA PRO B 227 17.50 -25.12 -21.24
C PRO B 227 18.44 -25.05 -20.05
N ILE B 228 17.86 -25.07 -18.86
CA ILE B 228 18.60 -25.13 -17.60
C ILE B 228 18.30 -26.48 -16.96
N PHE B 229 19.36 -27.23 -16.67
CA PHE B 229 19.29 -28.52 -16.01
C PHE B 229 19.79 -28.33 -14.58
N LEU B 230 19.09 -28.92 -13.62
CA LEU B 230 19.52 -28.88 -12.22
C LEU B 230 19.72 -30.32 -11.76
N ASN B 231 20.97 -30.67 -11.43
CA ASN B 231 21.33 -32.01 -10.96
C ASN B 231 20.81 -33.09 -11.92
N GLY B 232 20.93 -32.82 -13.22
CA GLY B 232 20.57 -33.79 -14.24
C GLY B 232 19.12 -33.76 -14.65
N ARG B 233 18.29 -32.95 -14.02
CA ARG B 233 16.87 -32.84 -14.36
C ARG B 233 16.64 -31.49 -15.00
N ARG B 234 15.90 -31.48 -16.09
CA ARG B 234 15.63 -30.23 -16.81
C ARG B 234 14.55 -29.44 -16.09
N LEU B 235 14.78 -28.14 -15.97
CA LEU B 235 13.82 -27.28 -15.30
C LEU B 235 12.81 -26.74 -16.30
N ASN B 236 11.58 -26.55 -15.84
CA ASN B 236 10.49 -26.14 -16.71
C ASN B 236 10.52 -24.63 -16.89
N THR B 237 11.41 -24.16 -17.76
CA THR B 237 11.48 -22.74 -18.03
C THR B 237 10.46 -22.38 -19.10
N LEU B 238 9.97 -21.14 -19.02
CA LEU B 238 8.79 -20.67 -19.74
C LEU B 238 9.13 -19.76 -20.92
N GLN B 239 8.24 -19.78 -21.91
CA GLN B 239 8.25 -18.76 -22.95
C GLN B 239 7.73 -17.44 -22.38
N ALA B 240 8.37 -16.33 -22.75
CA ALA B 240 7.96 -15.00 -22.30
C ALA B 240 6.84 -14.48 -23.20
N LEU B 241 5.62 -14.94 -22.91
CA LEU B 241 4.47 -14.65 -23.77
C LEU B 241 4.27 -13.17 -24.03
N TRP B 242 4.68 -12.31 -23.10
CA TRP B 242 4.42 -10.89 -23.29
C TRP B 242 5.20 -10.29 -24.44
N MET B 243 6.30 -10.92 -24.85
CA MET B 243 7.10 -10.45 -25.99
CA MET B 243 7.07 -10.41 -25.99
C MET B 243 6.58 -10.97 -27.32
N MET B 244 5.64 -11.91 -27.32
CA MET B 244 5.22 -12.58 -28.55
C MET B 244 3.97 -11.95 -29.16
N GLU B 245 3.70 -12.32 -30.42
CA GLU B 245 2.59 -11.78 -31.19
C GLU B 245 1.26 -12.16 -30.52
N PRO B 246 0.44 -11.18 -30.13
CA PRO B 246 -0.78 -11.51 -29.37
C PRO B 246 -1.74 -12.48 -30.04
N LYS B 247 -1.93 -12.35 -31.37
CA LYS B 247 -2.81 -13.26 -32.11
C LYS B 247 -2.35 -14.71 -32.05
N ASP B 248 -1.07 -14.97 -31.83
CA ASP B 248 -0.56 -16.33 -31.82
C ASP B 248 -0.70 -17.00 -30.45
N ILE B 249 -1.39 -16.36 -29.51
CA ILE B 249 -1.55 -16.87 -28.15
C ILE B 249 -2.97 -17.38 -27.99
N SER B 250 -3.10 -18.67 -27.72
CA SER B 250 -4.41 -19.25 -27.48
C SER B 250 -4.92 -18.87 -26.09
N GLU B 251 -6.23 -19.09 -25.90
CA GLU B 251 -6.81 -18.83 -24.59
C GLU B 251 -6.20 -19.72 -23.53
N TRP B 252 -5.89 -20.98 -23.89
CA TRP B 252 -5.29 -21.89 -22.93
C TRP B 252 -3.89 -21.45 -22.52
N GLN B 253 -3.09 -20.98 -23.47
CA GLN B 253 -1.78 -20.44 -23.12
C GLN B 253 -1.93 -19.31 -22.11
N HIS B 254 -2.89 -18.41 -22.34
CA HIS B 254 -3.11 -17.31 -21.40
C HIS B 254 -3.55 -17.83 -20.05
N GLU B 255 -4.40 -18.87 -20.01
CA GLU B 255 -4.85 -19.40 -18.73
C GLU B 255 -3.68 -19.96 -17.93
N GLU B 256 -2.80 -20.69 -18.62
CA GLU B 256 -1.64 -21.28 -17.93
C GLU B 256 -0.68 -20.21 -17.45
N PHE B 257 -0.39 -19.23 -18.31
CA PHE B 257 0.51 -18.16 -17.93
C PHE B 257 -0.06 -17.32 -16.80
N TYR B 258 -1.38 -17.06 -16.83
CA TYR B 258 -2.04 -16.36 -15.75
C TYR B 258 -1.88 -17.11 -14.44
N ARG B 259 -2.15 -18.42 -14.45
CA ARG B 259 -2.01 -19.20 -13.23
C ARG B 259 -0.60 -19.13 -12.69
N TYR B 260 0.41 -19.18 -13.57
CA TYR B 260 1.79 -19.01 -13.11
C TYR B 260 2.01 -17.64 -12.48
N VAL B 261 1.79 -16.56 -13.24
CA VAL B 261 2.24 -15.23 -12.78
C VAL B 261 1.40 -14.73 -11.62
N ALA B 262 0.16 -15.16 -11.52
CA ALA B 262 -0.72 -14.76 -10.42
C ALA B 262 -0.69 -15.77 -9.30
N GLN B 263 0.03 -16.87 -9.47
CA GLN B 263 0.07 -17.98 -8.54
C GLN B 263 -1.35 -18.34 -8.08
N ALA B 264 -2.18 -18.59 -9.08
CA ALA B 264 -3.62 -18.73 -8.90
C ALA B 264 -4.07 -20.09 -9.40
N TYR B 265 -5.36 -20.38 -9.19
CA TYR B 265 -5.94 -21.66 -9.55
C TYR B 265 -7.23 -21.50 -10.35
N ASP B 266 -7.59 -20.27 -10.71
CA ASP B 266 -8.76 -20.05 -11.56
C ASP B 266 -8.27 -19.72 -12.97
N LYS B 267 -9.06 -18.99 -13.75
CA LYS B 267 -8.66 -18.56 -15.08
C LYS B 267 -8.95 -17.07 -15.22
N PRO B 268 -8.31 -16.39 -16.17
CA PRO B 268 -8.62 -14.97 -16.37
C PRO B 268 -10.00 -14.80 -17.00
N ARG B 269 -10.78 -13.88 -16.44
CA ARG B 269 -12.00 -13.49 -17.11
C ARG B 269 -11.72 -12.44 -18.18
N TYR B 270 -10.68 -11.64 -17.98
CA TYR B 270 -10.26 -10.73 -19.05
C TYR B 270 -8.76 -10.82 -19.27
N THR B 271 -8.35 -10.67 -20.53
CA THR B 271 -6.95 -10.66 -20.94
C THR B 271 -6.70 -9.45 -21.82
N LEU B 272 -5.72 -8.63 -21.45
CA LEU B 272 -5.27 -7.50 -22.25
C LEU B 272 -3.79 -7.69 -22.57
N HIS B 273 -3.49 -7.93 -23.84
CA HIS B 273 -2.12 -8.06 -24.31
C HIS B 273 -1.75 -6.76 -25.02
N TYR B 274 -0.93 -5.94 -24.38
CA TYR B 274 -0.66 -4.58 -24.83
C TYR B 274 0.80 -4.42 -25.23
N ARG B 275 1.02 -4.07 -26.49
CA ARG B 275 2.33 -3.74 -27.01
C ARG B 275 2.29 -2.33 -27.59
N ALA B 276 3.32 -1.55 -27.31
CA ALA B 276 3.42 -0.21 -27.84
C ALA B 276 4.87 0.17 -28.02
N ASP B 277 5.12 1.10 -28.94
CA ASP B 277 6.44 1.65 -29.16
C ASP B 277 6.54 3.14 -28.89
N ALA B 278 5.42 3.85 -28.82
CA ALA B 278 5.37 5.28 -28.53
C ALA B 278 4.18 5.54 -27.61
N PRO B 279 4.34 6.41 -26.61
CA PRO B 279 5.58 7.14 -26.35
C PRO B 279 6.68 6.33 -25.68
N LEU B 280 6.37 5.13 -25.18
CA LEU B 280 7.37 4.28 -24.57
C LEU B 280 7.26 2.86 -25.13
N ASN B 281 8.38 2.13 -25.02
CA ASN B 281 8.39 0.72 -25.38
C ASN B 281 7.66 -0.07 -24.28
N ILE B 282 6.57 -0.75 -24.64
CA ILE B 282 5.79 -1.52 -23.70
C ILE B 282 5.47 -2.88 -24.29
N ARG B 283 5.74 -3.94 -23.51
CA ARG B 283 5.32 -5.29 -23.81
C ARG B 283 4.71 -5.85 -22.53
N SER B 284 3.39 -6.05 -22.51
CA SER B 284 2.77 -6.42 -21.25
C SER B 284 1.51 -7.26 -21.46
N ILE B 285 1.14 -7.97 -20.41
CA ILE B 285 -0.12 -8.73 -20.36
C ILE B 285 -0.76 -8.52 -19.00
N PHE B 286 -2.03 -8.14 -19.00
CA PHE B 286 -2.81 -7.97 -17.77
C PHE B 286 -4.01 -8.90 -17.81
N TYR B 287 -4.33 -9.46 -16.65
CA TYR B 287 -5.45 -10.36 -16.49
C TYR B 287 -6.34 -9.85 -15.36
N VAL B 288 -7.65 -9.97 -15.56
CA VAL B 288 -8.62 -9.86 -14.48
C VAL B 288 -9.09 -11.28 -14.14
N PRO B 289 -8.93 -11.72 -12.88
CA PRO B 289 -9.29 -13.09 -12.51
C PRO B 289 -10.78 -13.35 -12.63
N GLU B 290 -11.12 -14.63 -12.77
CA GLU B 290 -12.52 -15.02 -12.76
C GLU B 290 -13.12 -14.96 -11.36
N MET B 291 -12.31 -15.22 -10.34
CA MET B 291 -12.87 -15.20 -9.00
C MET B 291 -13.03 -13.77 -8.50
N LYS B 292 -13.77 -13.65 -7.41
CA LYS B 292 -14.04 -12.35 -6.84
C LYS B 292 -12.86 -12.00 -5.94
N PRO B 293 -12.63 -10.71 -5.72
CA PRO B 293 -11.40 -10.33 -5.01
C PRO B 293 -11.50 -10.60 -3.51
N SER B 294 -10.33 -10.50 -2.88
CA SER B 294 -10.18 -10.53 -1.43
C SER B 294 -8.97 -9.70 -1.05
N MET B 295 -8.47 -8.88 -1.98
CA MET B 295 -7.10 -8.37 -2.00
C MET B 295 -7.09 -6.85 -2.03
N PHE B 296 -7.05 -6.21 -0.86
CA PHE B 296 -6.98 -4.76 -0.78
C PHE B 296 -5.72 -4.36 -0.03
N ASP B 297 -4.82 -3.68 -0.73
CA ASP B 297 -3.50 -3.32 -0.20
C ASP B 297 -3.56 -2.04 0.64
N SER B 305 1.54 -6.49 -7.66
CA SER B 305 0.54 -7.42 -8.20
C SER B 305 0.87 -7.78 -9.65
N VAL B 306 1.62 -6.89 -10.30
CA VAL B 306 2.13 -7.11 -11.65
C VAL B 306 3.65 -7.18 -11.56
N ALA B 307 4.24 -8.13 -12.28
CA ALA B 307 5.69 -8.27 -12.27
C ALA B 307 6.30 -7.40 -13.36
N LEU B 308 7.45 -6.81 -13.06
CA LEU B 308 8.18 -6.00 -14.03
C LEU B 308 9.44 -6.74 -14.46
N TYR B 309 9.69 -6.80 -15.77
CA TYR B 309 10.79 -7.56 -16.35
C TYR B 309 11.64 -6.72 -17.28
N SER B 310 12.83 -7.26 -17.58
CA SER B 310 13.66 -6.76 -18.66
C SER B 310 14.54 -7.88 -19.19
N ARG B 311 14.48 -8.11 -20.51
CA ARG B 311 15.27 -9.14 -21.19
C ARG B 311 15.14 -10.50 -20.54
N LYS B 312 13.90 -10.86 -20.20
CA LYS B 312 13.53 -12.18 -19.68
C LYS B 312 14.08 -12.43 -18.27
N ILE B 313 14.66 -11.41 -17.62
CA ILE B 313 15.12 -11.53 -16.25
C ILE B 313 14.31 -10.56 -15.38
N LEU B 314 13.91 -11.05 -14.21
CA LEU B 314 13.05 -10.33 -13.28
C LEU B 314 13.70 -9.11 -12.64
N ILE B 315 12.91 -8.03 -12.54
CA ILE B 315 13.23 -6.85 -11.73
C ILE B 315 12.32 -6.91 -10.50
N GLN B 316 12.39 -5.94 -9.58
CA GLN B 316 11.56 -6.03 -8.37
C GLN B 316 10.69 -4.80 -8.20
N THR B 317 9.39 -5.06 -8.00
CA THR B 317 8.31 -4.12 -7.79
C THR B 317 8.21 -3.59 -6.36
N LYS B 318 9.18 -3.92 -5.51
CA LYS B 318 9.26 -3.48 -4.11
C LYS B 318 7.95 -3.61 -3.33
N THR B 320 7.03 0.65 -4.68
CA THR B 320 6.81 1.23 -6.00
C THR B 320 5.94 0.38 -6.90
N ASP B 321 4.89 0.98 -7.41
CA ASP B 321 4.00 0.30 -8.33
C ASP B 321 3.96 1.05 -9.64
N ILE B 322 3.88 0.31 -10.74
CA ILE B 322 3.82 0.87 -12.07
C ILE B 322 2.38 1.07 -12.53
N LEU B 323 1.42 0.55 -11.78
CA LEU B 323 0.00 0.78 -11.95
C LEU B 323 -0.51 1.64 -10.80
N PRO B 324 -1.55 2.44 -11.02
CA PRO B 324 -2.19 3.13 -9.90
C PRO B 324 -2.77 2.11 -8.94
N LYS B 325 -2.93 2.53 -7.69
CA LYS B 325 -3.36 1.59 -6.65
C LYS B 325 -4.74 1.01 -6.95
N TRP B 326 -5.59 1.72 -7.68
CA TRP B 326 -6.92 1.20 -7.90
C TRP B 326 -6.94 0.06 -8.90
N LEU B 327 -5.86 -0.12 -9.66
CA LEU B 327 -5.71 -1.23 -10.60
C LEU B 327 -4.93 -2.39 -10.00
N ARG B 328 -4.81 -2.45 -8.68
CA ARG B 328 -4.05 -3.52 -8.05
C ARG B 328 -4.73 -4.88 -8.19
N PHE B 329 -5.97 -4.92 -8.70
CA PHE B 329 -6.63 -6.20 -8.93
C PHE B 329 -6.11 -6.88 -10.18
N LEU B 330 -5.42 -6.14 -11.06
CA LEU B 330 -4.82 -6.75 -12.23
C LEU B 330 -3.66 -7.66 -11.83
N ARG B 331 -3.53 -8.76 -12.57
CA ARG B 331 -2.33 -9.57 -12.48
CA ARG B 331 -2.39 -9.65 -12.51
C ARG B 331 -1.63 -9.57 -13.83
N GLY B 332 -0.37 -9.97 -13.82
CA GLY B 332 0.34 -10.02 -15.08
C GLY B 332 1.74 -9.48 -15.06
N VAL B 333 2.18 -8.91 -16.18
CA VAL B 333 3.58 -8.59 -16.39
C VAL B 333 3.70 -7.35 -17.26
N VAL B 334 4.63 -6.46 -16.90
CA VAL B 334 5.02 -5.33 -17.71
C VAL B 334 6.52 -5.41 -17.97
N ASP B 335 6.91 -5.21 -19.24
CA ASP B 335 8.29 -5.13 -19.67
C ASP B 335 8.42 -3.84 -20.45
N SER B 336 9.42 -3.02 -20.12
CA SER B 336 9.69 -1.85 -20.95
C SER B 336 11.20 -1.64 -21.12
N GLU B 337 11.61 -1.49 -22.38
CA GLU B 337 13.00 -1.24 -22.72
C GLU B 337 13.48 0.12 -22.24
N ASP B 338 12.57 1.06 -22.04
CA ASP B 338 13.00 2.41 -21.73
C ASP B 338 13.34 2.55 -20.26
N ILE B 339 12.94 1.59 -19.44
CA ILE B 339 13.27 1.61 -18.02
C ILE B 339 14.74 1.29 -17.84
N PRO B 340 15.51 2.18 -17.22
CA PRO B 340 16.94 1.92 -17.00
C PRO B 340 17.16 1.07 -15.74
N LEU B 341 18.05 0.08 -15.85
CA LEU B 341 18.33 -0.80 -14.72
C LEU B 341 19.42 -0.21 -13.84
N ASN B 342 19.21 -0.24 -12.53
CA ASN B 342 20.25 0.08 -11.57
C ASN B 342 21.30 -1.03 -11.48
N LEU B 343 22.50 -0.65 -11.03
CA LEU B 343 23.64 -1.56 -10.95
C LEU B 343 23.32 -2.88 -10.26
N SER B 344 22.44 -2.87 -9.26
CA SER B 344 22.06 -4.09 -8.56
C SER B 344 20.95 -4.86 -9.28
N ARG B 345 20.33 -4.26 -10.30
CA ARG B 345 19.25 -4.87 -11.08
C ARG B 345 18.02 -5.19 -10.23
N GLU B 346 17.75 -4.40 -9.20
CA GLU B 346 16.55 -4.57 -8.39
C GLU B 346 15.76 -3.28 -8.18
N LEU B 347 16.15 -2.19 -8.83
CA LEU B 347 15.48 -0.90 -8.78
C LEU B 347 15.41 -0.36 -10.20
N LEU B 348 14.49 0.56 -10.44
CA LEU B 348 14.49 1.26 -11.71
C LEU B 348 14.78 2.76 -11.50
N GLN B 349 15.23 3.38 -12.59
CA GLN B 349 16.16 4.50 -12.52
C GLN B 349 15.58 5.89 -12.74
N GLU B 350 14.36 6.03 -13.25
CA GLU B 350 13.75 7.35 -13.37
C GLU B 350 12.28 7.25 -13.01
N SER B 351 11.86 7.92 -11.93
CA SER B 351 10.49 7.83 -11.48
C SER B 351 9.53 8.66 -12.32
N ALA B 352 10.03 9.66 -13.06
CA ALA B 352 9.17 10.37 -13.99
C ALA B 352 8.73 9.44 -15.13
N LEU B 353 9.66 8.60 -15.59
CA LEU B 353 9.31 7.53 -16.53
C LEU B 353 8.23 6.64 -15.94
N ILE B 354 8.30 6.38 -14.63
CA ILE B 354 7.34 5.47 -14.02
C ILE B 354 5.97 6.11 -13.94
N ARG B 355 5.90 7.40 -13.64
CA ARG B 355 4.60 8.05 -13.63
C ARG B 355 4.03 8.17 -15.04
N LYS B 356 4.87 8.41 -16.05
CA LYS B 356 4.39 8.41 -17.43
C LYS B 356 3.85 7.04 -17.83
N LEU B 357 4.62 5.98 -17.56
CA LEU B 357 4.20 4.62 -17.86
C LEU B 357 2.91 4.27 -17.13
N ARG B 358 2.81 4.67 -15.86
CA ARG B 358 1.62 4.42 -15.07
C ARG B 358 0.41 5.07 -15.70
N ASP B 359 0.56 6.32 -16.17
CA ASP B 359 -0.57 7.00 -16.82
C ASP B 359 -0.92 6.34 -18.16
N VAL B 360 0.07 5.93 -18.94
CA VAL B 360 -0.20 5.24 -20.19
C VAL B 360 -0.96 3.96 -19.94
N LEU B 361 -0.48 3.15 -18.97
CA LEU B 361 -1.12 1.89 -18.67
C LEU B 361 -2.53 2.09 -18.14
N GLN B 362 -2.73 3.11 -17.29
CA GLN B 362 -4.05 3.42 -16.79
C GLN B 362 -5.01 3.75 -17.93
N GLN B 363 -4.59 4.63 -18.84
CA GLN B 363 -5.47 4.98 -19.94
CA GLN B 363 -5.40 4.99 -20.00
C GLN B 363 -5.77 3.76 -20.81
N ARG B 364 -4.76 2.92 -21.10
CA ARG B 364 -4.99 1.74 -21.93
C ARG B 364 -5.95 0.75 -21.27
N VAL B 365 -5.80 0.54 -19.96
CA VAL B 365 -6.69 -0.37 -19.25
C VAL B 365 -8.12 0.16 -19.25
N ILE B 366 -8.29 1.47 -19.06
CA ILE B 366 -9.64 2.03 -19.12
C ILE B 366 -10.25 1.81 -20.51
N ARG B 367 -9.47 2.06 -21.55
CA ARG B 367 -9.99 1.85 -22.91
C ARG B 367 -10.39 0.39 -23.11
N PHE B 368 -9.57 -0.54 -22.62
CA PHE B 368 -9.88 -1.95 -22.73
C PHE B 368 -11.19 -2.28 -22.01
N LEU B 369 -11.34 -1.81 -20.78
CA LEU B 369 -12.54 -2.13 -20.01
C LEU B 369 -13.80 -1.56 -20.66
N LEU B 370 -13.71 -0.32 -21.16
CA LEU B 370 -14.84 0.25 -21.91
C LEU B 370 -15.21 -0.62 -23.11
N ASP B 371 -14.20 -1.05 -23.88
CA ASP B 371 -14.51 -1.85 -25.06
C ASP B 371 -15.09 -3.21 -24.67
N GLN B 372 -14.65 -3.76 -23.53
CA GLN B 372 -15.27 -4.99 -23.02
C GLN B 372 -16.74 -4.76 -22.69
N SER B 373 -17.06 -3.60 -22.08
CA SER B 373 -18.43 -3.35 -21.67
C SER B 373 -19.34 -3.13 -22.86
N LYS B 374 -18.78 -2.72 -23.98
CA LYS B 374 -19.65 -2.60 -25.15
C LYS B 374 -19.73 -3.86 -25.99
N LYS B 375 -18.72 -4.72 -25.97
CA LYS B 375 -18.82 -5.97 -26.71
C LYS B 375 -19.61 -7.05 -25.98
N ASP B 376 -19.66 -7.00 -24.65
CA ASP B 376 -20.46 -7.96 -23.86
C ASP B 376 -20.90 -7.25 -22.59
N PRO B 377 -22.07 -6.60 -22.62
CA PRO B 377 -22.49 -5.81 -21.45
C PRO B 377 -22.82 -6.65 -20.23
N GLU B 378 -23.22 -7.91 -20.41
CA GLU B 378 -23.58 -8.75 -19.28
C GLU B 378 -22.35 -9.29 -18.55
N LYS B 379 -21.38 -9.82 -19.32
CA LYS B 379 -20.10 -10.16 -18.72
C LYS B 379 -19.48 -8.96 -18.02
N TYR B 380 -19.57 -7.78 -18.64
CA TYR B 380 -19.05 -6.59 -17.98
C TYR B 380 -19.87 -6.23 -16.74
N ALA B 381 -21.17 -6.48 -16.77
CA ALA B 381 -21.98 -6.25 -15.57
C ALA B 381 -21.47 -7.10 -14.42
N ARG B 382 -21.10 -8.34 -14.70
CA ARG B 382 -20.63 -9.19 -13.61
C ARG B 382 -19.23 -8.76 -13.18
N PHE B 383 -18.43 -8.28 -14.12
CA PHE B 383 -17.16 -7.67 -13.75
C PHE B 383 -17.37 -6.45 -12.86
N PHE B 384 -18.36 -5.61 -13.18
CA PHE B 384 -18.55 -4.39 -12.42
C PHE B 384 -19.14 -4.68 -11.04
N GLU B 385 -20.13 -5.62 -10.95
CA GLU B 385 -20.42 -6.32 -9.69
C GLU B 385 -19.21 -6.60 -8.86
N ASP B 386 -18.25 -7.27 -9.47
CA ASP B 386 -17.22 -7.90 -8.68
C ASP B 386 -16.10 -6.94 -8.33
N TYR B 387 -15.83 -5.95 -9.17
CA TYR B 387 -14.66 -5.12 -9.01
C TYR B 387 -14.94 -3.63 -8.97
N GLY B 388 -16.20 -3.19 -9.02
CA GLY B 388 -16.50 -1.77 -9.10
C GLY B 388 -15.94 -0.97 -7.95
N LEU B 389 -15.80 -1.60 -6.78
CA LEU B 389 -15.25 -0.90 -5.63
C LEU B 389 -13.87 -0.34 -5.92
N PHE B 390 -13.10 -1.00 -6.79
CA PHE B 390 -11.79 -0.48 -7.16
C PHE B 390 -11.90 0.80 -7.97
N MET B 391 -12.89 0.90 -8.85
CA MET B 391 -13.04 2.12 -9.63
C MET B 391 -13.59 3.26 -8.77
N ARG B 392 -14.50 2.92 -7.85
CA ARG B 392 -14.95 3.91 -6.87
C ARG B 392 -13.79 4.44 -6.04
N GLU B 393 -12.94 3.55 -5.55
CA GLU B 393 -11.76 3.98 -4.80
C GLU B 393 -10.87 4.89 -5.65
N GLY B 394 -10.66 4.50 -6.92
CA GLY B 394 -9.84 5.32 -7.81
C GLY B 394 -10.39 6.73 -7.95
N ILE B 395 -11.70 6.84 -8.18
CA ILE B 395 -12.33 8.15 -8.29
C ILE B 395 -12.17 8.94 -7.00
N VAL B 396 -12.38 8.30 -5.86
CA VAL B 396 -12.35 9.02 -4.59
C VAL B 396 -10.94 9.52 -4.28
N THR B 397 -9.92 8.74 -4.67
CA THR B 397 -8.56 9.01 -4.22
C THR B 397 -7.71 9.80 -5.21
N THR B 398 -8.14 9.96 -6.46
CA THR B 398 -7.31 10.68 -7.42
C THR B 398 -7.60 12.18 -7.33
N GLY B 399 -6.58 12.98 -7.61
CA GLY B 399 -6.73 14.41 -7.46
C GLY B 399 -7.17 15.11 -8.72
N GLU B 400 -7.01 14.45 -9.85
CA GLU B 400 -7.22 15.08 -11.15
C GLU B 400 -8.62 14.84 -11.68
N GLN B 401 -9.25 15.91 -12.14
CA GLN B 401 -10.65 15.82 -12.53
C GLN B 401 -10.80 15.00 -13.80
N SER B 402 -9.87 15.15 -14.74
CA SER B 402 -9.94 14.33 -15.95
C SER B 402 -9.75 12.85 -15.65
N VAL B 403 -8.91 12.52 -14.67
CA VAL B 403 -8.74 11.12 -14.32
C VAL B 403 -9.97 10.57 -13.60
N LYS B 404 -10.57 11.36 -12.70
CA LYS B 404 -11.81 10.91 -12.08
C LYS B 404 -12.87 10.65 -13.13
N GLU B 405 -12.97 11.51 -14.14
CA GLU B 405 -13.99 11.31 -15.16
C GLU B 405 -13.65 10.15 -16.08
N ASP B 406 -12.36 9.94 -16.36
CA ASP B 406 -11.95 8.76 -17.12
C ASP B 406 -12.38 7.49 -16.41
N ILE B 407 -12.06 7.38 -15.12
CA ILE B 407 -12.46 6.21 -14.35
C ILE B 407 -13.98 6.14 -14.27
N ALA B 408 -14.64 7.29 -14.14
CA ALA B 408 -16.09 7.35 -14.03
C ALA B 408 -16.76 6.84 -15.29
N LYS B 409 -16.04 6.83 -16.41
CA LYS B 409 -16.59 6.21 -17.60
C LYS B 409 -16.90 4.73 -17.39
N LEU B 410 -16.28 4.11 -16.39
CA LEU B 410 -16.48 2.70 -16.13
C LEU B 410 -17.68 2.41 -15.26
N LEU B 411 -18.22 3.41 -14.57
CA LEU B 411 -19.30 3.17 -13.63
C LEU B 411 -20.59 2.83 -14.38
N ARG B 412 -21.41 2.01 -13.75
CA ARG B 412 -22.70 1.62 -14.32
C ARG B 412 -23.81 1.90 -13.32
N PHE B 413 -24.98 2.24 -13.85
CA PHE B 413 -26.16 2.49 -13.03
C PHE B 413 -27.39 2.01 -13.79
N GLU B 414 -28.53 2.10 -13.13
CA GLU B 414 -29.84 2.00 -13.77
C GLU B 414 -30.41 3.41 -13.93
N SER B 415 -31.56 3.51 -14.59
CA SER B 415 -32.12 4.83 -14.84
C SER B 415 -33.65 4.77 -14.80
N SER B 416 -34.25 5.90 -14.41
CA SER B 416 -35.70 6.07 -14.46
C SER B 416 -36.23 5.97 -15.87
N ALA B 417 -35.40 6.18 -16.89
CA ALA B 417 -35.83 6.16 -18.28
C ALA B 417 -35.49 4.86 -18.98
N LEU B 418 -35.13 3.83 -18.23
CA LEU B 418 -34.81 2.52 -18.77
C LEU B 418 -35.54 1.46 -17.96
N PRO B 419 -35.89 0.34 -18.58
CA PRO B 419 -36.51 -0.76 -17.83
C PRO B 419 -35.60 -1.22 -16.69
N ALA B 420 -36.24 -1.80 -15.67
CA ALA B 420 -35.50 -2.33 -14.54
C ALA B 420 -34.48 -3.37 -14.99
N GLY B 421 -33.29 -3.31 -14.41
CA GLY B 421 -32.21 -4.23 -14.72
C GLY B 421 -31.25 -3.71 -15.77
N GLN B 422 -31.71 -2.85 -16.66
CA GLN B 422 -30.85 -2.34 -17.73
C GLN B 422 -29.86 -1.31 -17.19
N GLN B 423 -28.58 -1.53 -17.49
CA GLN B 423 -27.51 -0.66 -17.06
C GLN B 423 -27.21 0.43 -18.09
N THR B 424 -26.82 1.60 -17.59
CA THR B 424 -26.42 2.74 -18.40
C THR B 424 -25.16 3.36 -17.81
N SER B 425 -24.57 4.29 -18.56
CA SER B 425 -23.36 4.98 -18.15
C SER B 425 -23.64 6.49 -18.04
N LEU B 426 -22.66 7.22 -17.51
CA LEU B 426 -22.76 8.68 -17.50
C LEU B 426 -22.81 9.24 -18.92
N MET B 427 -22.06 8.63 -19.84
CA MET B 427 -22.04 9.10 -21.22
C MET B 427 -23.39 8.90 -21.91
N GLU B 428 -24.06 7.76 -21.66
CA GLU B 428 -25.36 7.56 -22.27
C GLU B 428 -26.39 8.50 -21.67
N TYR B 429 -26.31 8.72 -20.36
CA TYR B 429 -27.17 9.70 -19.72
C TYR B 429 -27.02 11.05 -20.36
N SER B 430 -25.77 11.47 -20.65
CA SER B 430 -25.60 12.77 -21.26
C SER B 430 -25.98 12.77 -22.73
N SER B 431 -26.01 11.60 -23.35
CA SER B 431 -26.51 11.51 -24.73
C SER B 431 -28.02 11.69 -24.78
N ARG B 432 -28.72 11.35 -23.71
CA ARG B 432 -30.18 11.53 -23.70
C ARG B 432 -30.63 12.84 -23.07
N MET B 433 -29.71 13.76 -22.77
CA MET B 433 -30.09 15.03 -22.18
C MET B 433 -30.59 16.00 -23.25
N LYS B 434 -31.75 16.61 -22.99
CA LYS B 434 -32.23 17.69 -23.85
C LYS B 434 -31.32 18.91 -23.71
N ALA B 435 -31.17 19.63 -24.82
CA ALA B 435 -30.14 20.66 -24.97
C ALA B 435 -30.23 21.77 -23.93
N GLY B 436 -31.41 22.05 -23.40
CA GLY B 436 -31.49 23.12 -22.43
C GLY B 436 -31.20 22.72 -20.99
N THR B 437 -30.63 21.55 -20.76
CA THR B 437 -30.43 21.03 -19.41
C THR B 437 -28.96 21.02 -19.05
N ARG B 438 -28.67 21.27 -17.77
CA ARG B 438 -27.32 21.54 -17.29
C ARG B 438 -26.77 20.48 -16.34
N ASN B 439 -27.60 19.57 -15.83
CA ASN B 439 -27.16 18.77 -14.68
C ASN B 439 -27.57 17.31 -14.80
N ILE B 440 -26.80 16.46 -14.13
CA ILE B 440 -27.01 15.02 -14.09
C ILE B 440 -27.59 14.66 -12.74
N TYR B 441 -28.82 14.15 -12.73
CA TYR B 441 -29.56 13.90 -11.50
C TYR B 441 -29.46 12.43 -11.12
N TYR B 442 -29.18 12.17 -9.84
CA TYR B 442 -29.04 10.80 -9.37
C TYR B 442 -29.79 10.61 -8.06
N LEU B 443 -30.13 9.35 -7.77
CA LEU B 443 -30.83 8.95 -6.56
C LEU B 443 -30.23 7.64 -6.08
N CYS B 444 -29.81 7.62 -4.81
CA CYS B 444 -29.20 6.44 -4.21
C CYS B 444 -30.21 5.73 -3.30
N ALA B 445 -30.42 4.45 -3.57
CA ALA B 445 -31.39 3.62 -2.87
C ALA B 445 -30.88 2.20 -2.88
N PRO B 446 -31.37 1.34 -1.96
CA PRO B 446 -30.87 -0.04 -1.93
C PRO B 446 -31.14 -0.85 -3.20
N ASN B 447 -32.28 -0.68 -3.85
CA ASN B 447 -32.60 -1.46 -5.04
C ASN B 447 -33.53 -0.68 -5.95
N ARG B 448 -33.89 -1.31 -7.08
CA ARG B 448 -34.69 -0.64 -8.09
C ARG B 448 -36.10 -0.37 -7.58
N HIS B 449 -36.68 -1.31 -6.82
CA HIS B 449 -38.03 -1.10 -6.31
C HIS B 449 -38.07 0.08 -5.35
N LEU B 450 -37.10 0.16 -4.44
CA LEU B 450 -37.09 1.25 -3.47
C LEU B 450 -36.79 2.59 -4.15
N ALA B 451 -35.98 2.58 -5.20
CA ALA B 451 -35.72 3.81 -5.94
C ALA B 451 -36.98 4.28 -6.66
N GLU B 452 -37.66 3.35 -7.34
CA GLU B 452 -38.84 3.71 -8.13
C GLU B 452 -39.96 4.26 -7.25
N HIS B 453 -40.10 3.74 -6.04
CA HIS B 453 -41.15 4.18 -5.11
C HIS B 453 -40.62 5.10 -4.02
N SER B 454 -39.38 5.57 -4.17
CA SER B 454 -38.82 6.57 -3.28
C SER B 454 -39.67 7.83 -3.25
N PRO B 455 -39.94 8.40 -2.07
CA PRO B 455 -40.56 9.73 -2.01
C PRO B 455 -39.77 10.80 -2.77
N TYR B 456 -38.45 10.71 -2.73
CA TYR B 456 -37.64 11.68 -3.46
C TYR B 456 -37.81 11.48 -4.96
N PHE B 457 -37.99 10.24 -5.41
CA PHE B 457 -38.25 10.05 -6.83
C PHE B 457 -39.66 10.48 -7.20
N GLU B 458 -40.61 10.38 -6.26
CA GLU B 458 -41.94 10.91 -6.53
C GLU B 458 -41.86 12.40 -6.75
N ALA B 459 -40.97 13.08 -6.01
CA ALA B 459 -40.86 14.52 -6.18
C ALA B 459 -40.13 14.84 -7.46
N MET B 460 -39.21 13.98 -7.89
CA MET B 460 -38.48 14.23 -9.12
C MET B 460 -39.31 13.94 -10.36
N LYS B 461 -40.34 13.08 -10.25
CA LYS B 461 -41.18 12.77 -11.40
C LYS B 461 -41.94 14.00 -11.87
N GLN B 462 -42.16 14.98 -11.00
CA GLN B 462 -42.89 16.19 -11.38
C GLN B 462 -42.07 17.06 -12.31
N LYS B 463 -40.75 16.99 -12.23
CA LYS B 463 -39.89 17.51 -13.29
C LYS B 463 -39.93 16.50 -14.44
N ASP B 464 -39.11 16.70 -15.46
CA ASP B 464 -38.96 15.70 -16.51
C ASP B 464 -37.50 15.62 -16.94
N MET B 465 -36.67 15.23 -15.98
CA MET B 465 -35.28 14.88 -16.22
C MET B 465 -35.06 13.43 -15.80
N GLU B 466 -34.25 12.73 -16.58
CA GLU B 466 -33.83 11.38 -16.22
C GLU B 466 -33.08 11.41 -14.90
N VAL B 467 -33.26 10.36 -14.10
CA VAL B 467 -32.55 10.20 -12.84
C VAL B 467 -31.81 8.86 -12.86
N LEU B 468 -30.50 8.91 -12.68
CA LEU B 468 -29.71 7.70 -12.47
C LEU B 468 -30.09 7.07 -11.14
N PHE B 469 -30.24 5.74 -11.14
CA PHE B 469 -30.51 4.98 -9.91
C PHE B 469 -29.25 4.23 -9.51
N CYS B 470 -28.72 4.55 -8.33
CA CYS B 470 -27.46 3.97 -7.86
C CYS B 470 -27.73 3.07 -6.66
N PHE B 471 -27.31 1.81 -6.75
CA PHE B 471 -27.69 0.81 -5.75
C PHE B 471 -26.56 0.41 -4.80
N GLU B 472 -25.30 0.72 -5.12
CA GLU B 472 -24.19 0.26 -4.29
C GLU B 472 -23.94 1.25 -3.15
N GLN B 473 -23.49 0.70 -2.02
CA GLN B 473 -23.32 1.44 -0.77
C GLN B 473 -22.47 2.69 -0.92
N PHE B 474 -21.38 2.63 -1.69
CA PHE B 474 -20.50 3.77 -1.82
C PHE B 474 -20.70 4.55 -3.11
N ASP B 475 -21.78 4.29 -3.85
CA ASP B 475 -22.07 5.07 -5.05
C ASP B 475 -22.16 6.56 -4.74
N GLU B 476 -22.85 6.92 -3.65
CA GLU B 476 -23.12 8.34 -3.41
C GLU B 476 -21.85 9.08 -3.00
N LEU B 477 -21.00 8.44 -2.20
CA LEU B 477 -19.71 9.03 -1.88
C LEU B 477 -18.88 9.22 -3.14
N THR B 478 -18.91 8.24 -4.03
CA THR B 478 -18.21 8.33 -5.30
C THR B 478 -18.69 9.51 -6.12
N LEU B 479 -20.00 9.63 -6.30
CA LEU B 479 -20.55 10.74 -7.08
C LEU B 479 -20.29 12.09 -6.43
N LEU B 480 -20.27 12.14 -5.09
CA LEU B 480 -19.94 13.39 -4.41
C LEU B 480 -18.50 13.78 -4.69
N HIS B 481 -17.59 12.80 -4.69
CA HIS B 481 -16.20 13.11 -4.99
C HIS B 481 -16.02 13.43 -6.47
N LEU B 482 -16.86 12.86 -7.32
CA LEU B 482 -16.74 13.12 -8.75
C LEU B 482 -17.26 14.51 -9.09
N ARG B 483 -18.33 14.93 -8.42
CA ARG B 483 -18.85 16.29 -8.46
C ARG B 483 -19.43 16.66 -9.83
N GLU B 484 -18.63 16.60 -10.88
CA GLU B 484 -19.11 16.92 -12.21
C GLU B 484 -18.58 15.89 -13.20
N PHE B 485 -19.33 15.72 -14.29
CA PHE B 485 -18.92 14.85 -15.38
C PHE B 485 -19.25 15.51 -16.70
N ASP B 486 -18.26 15.58 -17.59
CA ASP B 486 -18.46 16.14 -18.94
C ASP B 486 -19.09 17.52 -18.84
N ARG B 487 -18.61 18.32 -17.90
CA ARG B 487 -19.01 19.71 -17.69
C ARG B 487 -20.39 19.84 -17.08
N LYS B 488 -21.00 18.74 -16.66
CA LYS B 488 -22.32 18.75 -16.04
C LYS B 488 -22.21 18.45 -14.56
N LYS B 489 -22.89 19.24 -13.73
CA LYS B 489 -22.81 19.06 -12.29
C LYS B 489 -23.72 17.91 -11.87
N LEU B 490 -23.21 17.06 -10.99
CA LEU B 490 -23.94 15.91 -10.48
C LEU B 490 -24.73 16.32 -9.24
N ILE B 491 -26.05 16.16 -9.30
CA ILE B 491 -26.96 16.63 -8.26
C ILE B 491 -27.87 15.48 -7.85
N SER B 492 -28.02 15.29 -6.54
CA SER B 492 -28.92 14.29 -6.00
C SER B 492 -30.35 14.81 -5.98
N ALA B 493 -31.30 13.89 -6.07
CA ALA B 493 -32.72 14.25 -5.99
C ALA B 493 -33.05 14.97 -4.69
N GLU B 494 -32.46 14.54 -3.58
CA GLU B 494 -32.73 15.17 -2.29
C GLU B 494 -32.26 16.63 -2.28
N THR B 495 -31.02 16.85 -2.71
CA THR B 495 -30.49 18.20 -2.84
C THR B 495 -31.38 19.07 -3.73
N ASP B 496 -31.77 18.55 -4.90
CA ASP B 496 -32.58 19.33 -5.83
C ASP B 496 -33.94 19.69 -5.23
N ILE B 497 -34.53 18.75 -4.48
CA ILE B 497 -35.77 19.05 -3.77
C ILE B 497 -35.58 20.21 -2.82
N VAL B 498 -34.48 20.21 -2.06
CA VAL B 498 -34.27 21.32 -1.13
C VAL B 498 -34.07 22.63 -1.89
N VAL B 499 -33.30 22.60 -2.98
CA VAL B 499 -33.02 23.83 -3.73
C VAL B 499 -34.30 24.42 -4.31
N ASP B 500 -35.24 23.57 -4.72
CA ASP B 500 -36.45 24.09 -5.38
C ASP B 500 -37.30 24.94 -4.43
N HIS B 501 -37.21 24.71 -3.12
CA HIS B 501 -37.82 25.60 -2.15
C HIS B 501 -37.41 27.04 -2.40
N TYR B 502 -36.12 27.24 -2.62
CA TYR B 502 -35.53 28.57 -2.70
C TYR B 502 -35.65 29.16 -4.10
N LYS B 503 -36.39 28.49 -4.97
CA LYS B 503 -36.75 29.03 -6.28
C LYS B 503 -38.27 29.13 -6.38
N GLU B 504 -38.73 29.41 -7.59
CA GLU B 504 -40.14 29.32 -7.93
C GLU B 504 -40.09 27.82 -7.66
N GLU B 505 -40.95 27.34 -6.77
CA GLU B 505 -41.22 25.92 -6.65
C GLU B 505 -42.66 26.07 -7.09
N LYS B 506 -42.95 25.74 -8.35
CA LYS B 506 -44.32 25.70 -8.84
C LYS B 506 -44.63 24.24 -9.14
N PHE B 507 -45.03 23.54 -8.09
CA PHE B 507 -45.37 22.12 -8.12
C PHE B 507 -46.60 22.00 -7.26
N GLN B 508 -47.71 21.53 -7.79
CA GLN B 508 -48.78 21.25 -6.87
C GLN B 508 -49.31 19.85 -7.09
N ASP B 509 -50.33 19.52 -6.30
CA ASP B 509 -50.46 18.20 -5.71
C ASP B 509 -50.80 17.12 -6.71
N SER B 510 -50.50 15.90 -6.31
CA SER B 510 -51.04 14.73 -6.98
C SER B 510 -52.57 14.69 -6.83
N LYS B 511 -53.08 14.93 -5.60
CA LYS B 511 -54.50 14.85 -5.29
C LYS B 511 -55.13 16.23 -5.28
N PRO B 512 -56.29 16.39 -5.93
CA PRO B 512 -56.96 17.70 -5.94
C PRO B 512 -57.23 18.19 -4.51
N ALA B 513 -57.35 19.52 -4.38
CA ALA B 513 -57.53 20.16 -3.08
C ALA B 513 -58.76 19.64 -2.34
N SER B 514 -59.59 18.84 -2.98
CA SER B 514 -60.77 18.28 -2.32
C SER B 514 -60.37 17.28 -1.23
N GLU B 515 -59.42 16.40 -1.54
CA GLU B 515 -59.02 15.33 -0.63
C GLU B 515 -57.78 15.69 0.17
N ARG B 516 -57.63 16.97 0.52
CA ARG B 516 -56.51 17.43 1.32
C ARG B 516 -57.01 18.20 2.53
N LEU B 517 -56.12 18.38 3.48
CA LEU B 517 -56.34 19.33 4.55
C LEU B 517 -56.39 20.74 3.99
N SER B 518 -57.28 21.57 4.53
CA SER B 518 -57.34 22.95 4.10
C SER B 518 -56.15 23.70 4.71
N SER B 519 -56.11 25.02 4.57
CA SER B 519 -54.93 25.74 5.05
C SER B 519 -55.02 25.96 6.55
N GLU B 520 -56.24 26.06 7.05
CA GLU B 520 -56.47 26.19 8.48
C GLU B 520 -56.07 24.91 9.22
N GLN B 521 -56.68 23.79 8.84
CA GLN B 521 -56.29 22.48 9.35
C GLN B 521 -54.80 22.23 9.20
N ALA B 522 -54.21 22.55 8.04
CA ALA B 522 -52.82 22.24 7.81
C ALA B 522 -51.92 23.01 8.76
N GLU B 523 -52.21 24.29 8.98
CA GLU B 523 -51.33 25.06 9.84
C GLU B 523 -51.63 24.85 11.32
N ASP B 524 -52.80 24.31 11.65
CA ASP B 524 -53.05 23.92 13.03
C ASP B 524 -52.28 22.64 13.37
N LEU B 525 -52.45 21.62 12.52
CA LEU B 525 -51.61 20.43 12.56
C LEU B 525 -50.12 20.78 12.71
N LEU B 526 -49.63 21.65 11.81
CA LEU B 526 -48.21 21.98 11.82
C LEU B 526 -47.78 22.61 13.14
N ALA B 527 -48.58 23.53 13.69
CA ALA B 527 -48.25 24.09 14.99
C ALA B 527 -48.14 23.00 16.05
N TRP B 528 -49.10 22.08 16.07
CA TRP B 528 -49.04 20.97 17.00
C TRP B 528 -47.76 20.17 16.85
N MET B 529 -47.39 19.83 15.61
CA MET B 529 -46.18 19.04 15.39
C MET B 529 -44.92 19.82 15.77
N ARG B 530 -44.91 21.13 15.58
CA ARG B 530 -43.76 21.91 16.01
C ARG B 530 -43.63 21.84 17.52
N ASN B 531 -44.76 21.77 18.22
CA ASN B 531 -44.69 21.68 19.67
C ASN B 531 -44.42 20.26 20.16
N ALA B 532 -44.60 19.25 19.33
CA ALA B 532 -44.37 17.87 19.77
C ALA B 532 -42.99 17.33 19.37
N LEU B 533 -42.28 18.01 18.47
CA LEU B 533 -40.93 17.64 18.02
C LEU B 533 -40.04 18.89 18.12
N VAL B 534 -39.77 19.36 19.34
CA VAL B 534 -39.21 20.70 19.44
C VAL B 534 -37.71 20.72 19.24
N GLN B 535 -37.00 19.70 19.69
CA GLN B 535 -35.55 19.67 19.49
C GLN B 535 -35.13 18.52 18.58
N ARG B 536 -35.93 18.24 17.56
CA ARG B 536 -35.66 17.16 16.63
C ARG B 536 -35.68 17.56 15.17
N VAL B 537 -36.38 18.63 14.79
CA VAL B 537 -36.34 19.16 13.44
C VAL B 537 -36.19 20.68 13.51
N THR B 538 -35.65 21.25 12.44
CA THR B 538 -35.46 22.70 12.41
C THR B 538 -36.68 23.41 11.85
N ASN B 539 -37.39 22.81 10.90
CA ASN B 539 -38.71 23.31 10.53
C ASN B 539 -39.56 22.17 9.99
N ILE B 540 -40.88 22.41 10.00
CA ILE B 540 -41.87 21.49 9.48
C ILE B 540 -42.72 22.25 8.47
N LYS B 541 -42.80 21.71 7.26
CA LYS B 541 -43.56 22.34 6.19
C LYS B 541 -44.47 21.32 5.52
N VAL B 542 -45.39 21.84 4.73
CA VAL B 542 -46.20 21.00 3.85
C VAL B 542 -45.51 20.99 2.50
N THR B 543 -45.46 19.81 1.89
CA THR B 543 -44.89 19.77 0.57
C THR B 543 -45.92 19.27 -0.43
N PRO B 544 -45.92 19.83 -1.64
CA PRO B 544 -46.87 19.41 -2.66
C PRO B 544 -46.37 18.28 -3.54
N ARG B 545 -45.15 17.79 -3.30
CA ARG B 545 -44.42 16.99 -4.25
C ARG B 545 -44.49 15.50 -3.94
N LEU B 546 -45.33 15.10 -2.99
CA LEU B 546 -45.46 13.73 -2.55
C LEU B 546 -46.85 13.20 -2.87
N ASP B 547 -46.93 11.88 -2.93
CA ASP B 547 -48.14 11.18 -3.36
C ASP B 547 -48.40 9.99 -2.43
N THR B 548 -47.60 8.94 -2.63
CA THR B 548 -47.76 7.69 -1.89
C THR B 548 -47.28 7.80 -0.45
N HIS B 549 -46.27 8.63 -0.19
CA HIS B 549 -45.65 8.76 1.12
C HIS B 549 -46.29 9.88 1.94
N PRO B 550 -46.43 9.66 3.26
CA PRO B 550 -47.06 10.67 4.11
C PRO B 550 -46.12 11.82 4.46
N ALA B 551 -44.81 11.55 4.48
CA ALA B 551 -43.85 12.59 4.87
C ALA B 551 -42.47 12.22 4.31
N MET B 552 -41.58 13.20 4.35
CA MET B 552 -40.17 12.96 4.01
C MET B 552 -39.29 13.93 4.80
N ILE B 553 -38.05 13.50 5.03
CA ILE B 553 -37.02 14.36 5.64
C ILE B 553 -36.14 14.90 4.53
N THR B 554 -35.89 16.22 4.56
CA THR B 554 -35.01 16.85 3.58
C THR B 554 -33.89 17.58 4.29
N VAL B 555 -32.69 17.48 3.71
CA VAL B 555 -31.47 18.15 4.15
C VAL B 555 -30.77 18.63 2.89
N LEU B 556 -30.26 19.88 2.90
CA LEU B 556 -29.63 20.42 1.70
C LEU B 556 -28.56 19.48 1.15
N GLU B 557 -27.55 19.15 1.96
CA GLU B 557 -26.48 18.28 1.50
C GLU B 557 -26.66 16.90 2.14
N MET B 558 -27.65 16.19 1.57
CA MET B 558 -28.09 14.93 2.15
C MET B 558 -27.02 13.85 2.03
N GLY B 559 -26.35 13.78 0.89
CA GLY B 559 -25.30 12.77 0.72
C GLY B 559 -24.18 12.93 1.74
N ALA B 560 -23.74 14.17 1.93
CA ALA B 560 -22.69 14.44 2.91
C ALA B 560 -23.16 14.11 4.32
N ALA B 561 -24.44 14.36 4.62
CA ALA B 561 -24.97 14.05 5.94
C ALA B 561 -25.02 12.54 6.17
N ARG B 562 -25.52 11.79 5.19
CA ARG B 562 -25.48 10.33 5.25
C ARG B 562 -24.06 9.84 5.51
N HIS B 563 -23.12 10.32 4.71
CA HIS B 563 -21.73 9.92 4.89
C HIS B 563 -21.24 10.25 6.29
N PHE B 564 -21.53 11.45 6.77
CA PHE B 564 -21.07 11.87 8.09
C PHE B 564 -21.60 10.95 9.19
N LEU B 565 -22.89 10.58 9.09
CA LEU B 565 -23.46 9.74 10.15
C LEU B 565 -22.87 8.34 10.17
N ARG B 566 -22.24 7.91 9.07
CA ARG B 566 -21.63 6.59 9.03
C ARG B 566 -20.21 6.62 9.57
N THR B 567 -20.08 7.22 10.74
CA THR B 567 -18.86 7.21 11.54
C THR B 567 -19.08 6.33 12.77
N GLN B 582 -29.53 19.98 10.75
CA GLN B 582 -30.83 20.61 10.88
C GLN B 582 -31.77 20.12 9.78
N PRO B 583 -32.61 19.13 10.08
CA PRO B 583 -33.45 18.52 9.06
C PRO B 583 -34.82 19.17 8.99
N THR B 584 -35.40 19.11 7.80
CA THR B 584 -36.74 19.64 7.56
C THR B 584 -37.70 18.47 7.39
N LEU B 585 -38.84 18.51 8.09
CA LEU B 585 -39.86 17.49 7.91
C LEU B 585 -40.96 18.07 7.02
N GLU B 586 -41.29 17.34 5.96
CA GLU B 586 -42.26 17.78 4.97
C GLU B 586 -43.41 16.80 4.93
N ILE B 587 -44.64 17.30 5.06
CA ILE B 587 -45.82 16.48 5.25
C ILE B 587 -46.70 16.52 4.01
N ASN B 588 -47.37 15.40 3.77
CA ASN B 588 -48.28 15.22 2.63
C ASN B 588 -49.70 15.32 3.18
N THR B 589 -50.29 16.51 3.10
CA THR B 589 -51.62 16.74 3.66
C THR B 589 -52.73 16.07 2.85
N GLY B 590 -52.39 15.32 1.81
CA GLY B 590 -53.30 14.54 1.03
C GLY B 590 -53.26 13.08 1.39
N HIS B 591 -52.38 12.69 2.31
CA HIS B 591 -52.16 11.30 2.65
C HIS B 591 -52.97 10.96 3.89
N ASP B 592 -53.54 9.75 3.89
CA ASP B 592 -54.52 9.38 4.90
C ASP B 592 -53.92 9.46 6.30
N LEU B 593 -52.67 9.04 6.45
CA LEU B 593 -52.06 8.99 7.78
C LEU B 593 -51.86 10.39 8.35
N ILE B 594 -51.71 11.38 7.48
CA ILE B 594 -51.54 12.76 7.94
C ILE B 594 -52.87 13.38 8.34
N LYS B 595 -53.91 13.15 7.53
CA LYS B 595 -55.25 13.61 7.91
C LYS B 595 -55.72 12.97 9.20
N LYS B 596 -55.35 11.71 9.43
CA LYS B 596 -55.77 11.08 10.66
C LYS B 596 -54.90 11.47 11.84
N LEU B 597 -53.67 11.88 11.60
CA LEU B 597 -52.91 12.53 12.66
C LEU B 597 -53.57 13.84 13.05
N HIS B 598 -54.00 14.62 12.06
CA HIS B 598 -54.74 15.85 12.32
C HIS B 598 -55.97 15.58 13.17
N ALA B 599 -56.71 14.53 12.84
CA ALA B 599 -57.91 14.21 13.63
C ALA B 599 -57.58 13.60 14.99
N LEU B 600 -56.38 13.06 15.19
CA LEU B 600 -56.08 12.38 16.44
C LEU B 600 -55.37 13.25 17.45
N LYS B 601 -54.66 14.29 17.03
CA LYS B 601 -54.18 15.30 17.97
C LYS B 601 -55.33 15.78 18.84
N ASP B 602 -56.52 15.96 18.26
CA ASP B 602 -57.72 16.29 19.01
C ASP B 602 -58.33 15.05 19.66
N SER B 603 -58.63 14.02 18.85
CA SER B 603 -59.35 12.85 19.35
C SER B 603 -58.56 12.08 20.42
N ASN B 604 -57.27 11.82 20.17
CA ASN B 604 -56.48 10.91 21.00
C ASN B 604 -55.05 11.41 21.06
N PRO B 605 -54.78 12.38 21.97
CA PRO B 605 -53.45 13.04 21.96
C PRO B 605 -52.26 12.13 22.13
N GLU B 606 -52.30 11.17 23.06
CA GLU B 606 -51.17 10.27 23.27
C GLU B 606 -50.92 9.44 22.01
N LEU B 607 -51.99 8.88 21.45
CA LEU B 607 -51.86 8.10 20.21
C LEU B 607 -51.35 8.98 19.09
N ALA B 608 -51.78 10.24 19.04
CA ALA B 608 -51.29 11.15 18.02
C ALA B 608 -49.80 11.42 18.17
N GLN B 609 -49.31 11.53 19.41
CA GLN B 609 -47.89 11.73 19.62
C GLN B 609 -47.09 10.48 19.23
N LEU B 610 -47.57 9.31 19.62
CA LEU B 610 -46.94 8.06 19.20
C LEU B 610 -46.87 7.96 17.67
N LEU B 611 -47.98 8.28 17.00
CA LEU B 611 -48.03 8.22 15.55
C LEU B 611 -47.09 9.25 14.91
N LEU B 612 -47.07 10.47 15.46
CA LEU B 612 -46.18 11.52 14.96
C LEU B 612 -44.73 11.08 15.05
N GLU B 613 -44.31 10.60 16.22
CA GLU B 613 -42.93 10.14 16.36
C GLU B 613 -42.64 8.98 15.42
N GLN B 614 -43.63 8.13 15.17
CA GLN B 614 -43.41 7.03 14.22
C GLN B 614 -43.24 7.56 12.80
N ILE B 615 -44.02 8.56 12.40
CA ILE B 615 -43.89 9.14 11.07
C ILE B 615 -42.53 9.80 10.90
N TYR B 616 -42.09 10.55 11.92
CA TYR B 616 -40.76 11.14 11.89
C TYR B 616 -39.69 10.07 11.76
N ASP B 617 -39.78 9.01 12.58
CA ASP B 617 -38.81 7.93 12.51
C ASP B 617 -38.79 7.27 11.13
N ASN B 618 -39.98 7.04 10.55
CA ASN B 618 -40.07 6.44 9.23
C ASN B 618 -39.40 7.31 8.18
N ALA B 619 -39.61 8.62 8.26
CA ALA B 619 -38.95 9.52 7.31
C ALA B 619 -37.44 9.53 7.51
N MET B 620 -36.98 9.47 8.77
CA MET B 620 -35.54 9.42 9.02
C MET B 620 -34.93 8.15 8.46
N ILE B 621 -35.61 7.02 8.64
CA ILE B 621 -35.12 5.75 8.10
C ILE B 621 -35.08 5.81 6.58
N ALA B 622 -36.19 6.23 5.96
CA ALA B 622 -36.26 6.33 4.51
C ALA B 622 -35.21 7.28 3.95
N ALA B 623 -34.79 8.27 4.74
CA ALA B 623 -33.78 9.22 4.32
C ALA B 623 -32.35 8.71 4.49
N GLY B 624 -32.17 7.51 5.04
CA GLY B 624 -30.84 7.00 5.30
C GLY B 624 -30.12 7.76 6.39
N LEU B 625 -30.86 8.43 7.27
CA LEU B 625 -30.30 9.24 8.35
C LEU B 625 -30.64 8.69 9.73
N ASN B 626 -31.12 7.45 9.82
CA ASN B 626 -31.51 6.91 11.10
C ASN B 626 -30.34 6.32 11.87
N GLU B 627 -30.35 6.42 13.17
CA GLU B 627 -29.29 5.95 14.00
C GLU B 627 -29.79 4.66 14.23
N ASP B 628 -29.28 3.84 15.09
CA ASP B 628 -29.72 2.47 15.36
C ASP B 628 -31.09 2.38 15.55
N PRO B 629 -31.70 1.50 14.69
CA PRO B 629 -33.11 1.44 14.79
C PRO B 629 -33.67 0.62 15.91
N ARG B 630 -32.89 0.03 16.73
CA ARG B 630 -33.33 -0.85 17.81
C ARG B 630 -34.14 -0.14 18.89
N PRO B 631 -33.75 1.05 19.38
CA PRO B 631 -34.56 1.72 20.41
C PRO B 631 -35.98 2.04 19.98
N MET B 632 -36.27 2.11 18.68
CA MET B 632 -37.62 2.49 18.27
C MET B 632 -38.60 1.33 18.40
N ILE B 633 -38.09 0.10 18.39
CA ILE B 633 -38.94 -1.08 18.23
C ILE B 633 -39.99 -1.15 19.34
N SER B 634 -39.57 -0.89 20.59
CA SER B 634 -40.51 -0.96 21.70
C SER B 634 -41.65 0.05 21.53
N ARG B 635 -41.30 1.30 21.23
CA ARG B 635 -42.32 2.32 20.97
C ARG B 635 -43.24 1.91 19.84
N LEU B 636 -42.67 1.38 18.75
CA LEU B 636 -43.48 0.92 17.63
C LEU B 636 -44.47 -0.14 18.06
N ASN B 637 -44.02 -1.13 18.85
CA ASN B 637 -44.91 -2.16 19.36
C ASN B 637 -46.05 -1.55 20.15
N GLN B 638 -45.73 -0.59 21.01
CA GLN B 638 -46.75 0.07 21.82
C GLN B 638 -47.77 0.79 20.94
N LEU B 639 -47.29 1.55 19.94
CA LEU B 639 -48.17 2.19 18.99
C LEU B 639 -49.09 1.18 18.31
N LEU B 640 -48.51 0.10 17.79
CA LEU B 640 -49.30 -0.94 17.11
C LEU B 640 -50.39 -1.47 18.04
N THR B 641 -50.03 -1.81 19.27
CA THR B 641 -51.02 -2.36 20.21
C THR B 641 -52.14 -1.37 20.49
N ARG B 642 -51.83 -0.07 20.49
CA ARG B 642 -52.87 0.91 20.79
C ARG B 642 -53.66 1.29 19.54
N ALA B 643 -53.14 0.97 18.36
CA ALA B 643 -53.89 1.14 17.13
C ALA B 643 -54.79 -0.05 16.82
N LEU B 644 -54.39 -1.26 17.24
CA LEU B 644 -55.18 -2.46 17.04
C LEU B 644 -56.16 -2.69 18.18
N GLU B 645 -56.24 -1.74 19.12
CA GLU B 645 -57.18 -1.76 20.23
C GLU B 645 -56.93 -2.92 21.19
PG ANP C . 30.57 7.90 0.70
O1G ANP C . 30.71 7.30 -0.67
O2G ANP C . 30.00 9.37 0.53
O3G ANP C . 29.54 7.06 1.56
PB ANP C . 32.97 9.31 1.01
O1B ANP C . 34.28 9.23 1.70
O2B ANP C . 32.22 10.59 1.49
N3B ANP C . 32.08 7.96 1.46
PA ANP C . 33.04 10.66 -1.46
O1A ANP C . 31.72 11.31 -1.28
O2A ANP C . 33.22 10.17 -2.91
O3A ANP C . 33.17 9.34 -0.55
O5' ANP C . 34.21 11.66 -1.06
C5' ANP C . 35.59 11.27 -1.27
C4' ANP C . 36.49 12.00 -0.30
O4' ANP C . 36.69 13.36 -0.74
C3' ANP C . 35.93 12.14 1.11
O3' ANP C . 36.19 10.97 1.87
C2' ANP C . 36.68 13.36 1.64
O2' ANP C . 37.97 13.00 2.12
C1' ANP C . 36.81 14.22 0.37
N9 ANP C . 35.81 15.24 0.28
C8 ANP C . 34.64 15.23 -0.50
N7 ANP C . 33.89 16.28 -0.40
C5 ANP C . 34.61 17.11 0.52
C6 ANP C . 34.32 18.37 1.03
N6 ANP C . 33.24 19.09 0.72
N1 ANP C . 35.22 18.87 1.90
C2 ANP C . 36.30 18.16 2.22
N3 ANP C . 36.66 16.95 1.78
C4 ANP C . 35.71 16.44 0.89
MG MG D . 30.64 11.22 0.44
CO CO E . 39.02 2.57 17.03
CO CO F . 41.22 -34.21 -10.42
C10 05M G . -8.03 -6.20 9.12
C13 05M G . -8.32 -6.47 4.94
C21 05M G . -12.79 -1.05 -1.14
C24 05M G . -13.47 1.85 -0.54
C26 05M G . -14.61 1.74 -1.33
C28 05M G . -14.77 4.16 -1.44
C01 05M G . -6.94 -8.81 6.61
C02 05M G . -6.68 -9.91 7.44
C03 05M G . -6.86 -9.85 8.83
C04 05M G . -7.29 -8.64 9.40
C05 05M G . -7.55 -7.54 8.57
C06 05M G . -7.38 -7.61 7.18
C12 05M G . -7.69 -6.31 6.36
C14 05M G . -9.85 -6.31 4.92
C23 05M G . -10.89 0.30 0.79
C25 05M G . -13.66 0.09 1.59
C27 05M G . -15.26 2.90 -1.80
C29 05M G . -13.64 4.27 -0.63
C30 05M G . -12.98 3.12 -0.17
C31 05M G . -14.66 -0.88 1.64
C32 05M G . -15.42 -0.99 2.82
C33 05M G . -15.17 -0.15 3.91
C34 05M G . -14.17 0.81 3.84
C35 05M G . -13.43 0.93 2.68
C36 05M G . -10.06 -0.80 0.54
C37 05M G . -8.77 -0.84 1.07
C38 05M G . -8.30 0.22 1.87
C39 05M G . -9.14 1.32 2.12
C40 05M G . -10.42 1.36 1.58
C41 05M G . -4.81 -11.20 6.80
C42 05M G . -7.61 -11.52 10.45
O07 05M G . -6.24 -11.12 6.85
O08 05M G . -6.56 -10.99 9.63
O09 05M G . -7.44 -8.57 10.61
O11 05M G . -6.77 -8.94 5.42
P22 05M G . -12.61 0.34 0.09
PG ANP H . 26.72 -7.69 -15.92
O1G ANP H . 27.44 -7.38 -14.66
O2G ANP H . 26.15 -9.16 -15.89
O3G ANP H . 25.51 -6.67 -16.08
PB ANP H . 28.78 -8.72 -17.54
O1B ANP H . 29.60 -8.39 -18.73
O2B ANP H . 27.98 -10.03 -17.80
N3B ANP H . 27.72 -7.44 -17.26
PA ANP H . 30.30 -10.09 -15.59
O1A ANP H . 29.26 -11.04 -15.14
O2A ANP H . 31.16 -9.55 -14.45
O3A ANP H . 29.69 -8.80 -16.27
O5' ANP H . 31.20 -10.81 -16.68
C5' ANP H . 32.37 -10.17 -17.22
C4' ANP H . 32.75 -10.75 -18.56
O4' ANP H . 33.32 -12.05 -18.37
C3' ANP H . 31.63 -10.96 -19.57
O3' ANP H . 31.34 -9.78 -20.31
C2' ANP H . 32.24 -12.03 -20.48
O2' ANP H . 33.11 -11.49 -21.47
C1' ANP H . 33.04 -12.88 -19.48
N9 ANP H . 32.32 -14.06 -19.03
C8 ANP H . 31.67 -14.23 -17.83
N7 ANP H . 31.08 -15.39 -17.71
C5 ANP H . 31.34 -16.03 -18.94
C6 ANP H . 30.97 -17.29 -19.44
N6 ANP H . 30.25 -18.17 -18.77
N1 ANP H . 31.40 -17.59 -20.69
C2 ANP H . 32.12 -16.69 -21.36
N3 ANP H . 32.52 -15.48 -20.98
C4 ANP H . 32.08 -15.20 -19.72
MG MG I . 27.35 -10.79 -16.19
CO CO J . -29.11 15.60 -27.82
CO CO K . 35.89 34.10 -12.67
#